data_6GNK
#
_entry.id   6GNK
#
_cell.length_a   160.920
_cell.length_b   56.770
_cell.length_c   120.350
_cell.angle_alpha   90.00
_cell.angle_beta   126.45
_cell.angle_gamma   90.00
#
_symmetry.space_group_name_H-M   'C 1 2 1'
#
loop_
_entity.id
_entity.type
_entity.pdbx_description
1 polymer '14-3-3 protein beta/alpha'
2 polymer 'Exoenzyme S'
3 non-polymer CARBA-NICOTINAMIDE-ADENINE-DINUCLEOTIDE
4 non-polymer (4S)-2-METHYL-2,4-PENTANEDIOL
5 water water
#
loop_
_entity_poly.entity_id
_entity_poly.type
_entity_poly.pdbx_seq_one_letter_code
_entity_poly.pdbx_strand_id
1 'polypeptide(L)'
;MTMDKSELVQKAKLAEQAERYDDMAAAMKAVTEQGHELSNEERNLLSVAYKNVVGARRSSWRVISSIEQKTERNEKKQQM
GKEYREKIEAELQDICNDVLELLDKYLIPNATQPESKVFYLKMKGDYFRYLSEVASGDNKQTTVSNSQQAYQEAFEISKK
EMQPTHPIRLGLALNFSVFYYEILNSPEKACSLAKTAFDEAIAELDTLNEESYKDSTLIMQLLRDNLTLWTSENENLYFQ
SLE
;
A,B
2 'polypeptide(L)'
;MGSSHHHHHHSQDPNSENLYFQGADKALADGLVKRFGADAEKYLGRQPGGIHSDAEVMALGLYTGIHYADLNRALRQGQE
LDAGQKLIDQGMSAAFEKSGQAEQVVKTFRGTRGGDAFNAVEEGKVGHDDGYLSTSLNPGVARSFGQGTISTVFGRSGID
VSGISNYKNAKAILYNKETDMRVLLSASDEQGVTRRVLEEAALGELSGHSQGLLDALDLASKPEPSGEVQEQDVRLRMRG
LDLA
;
C
#
loop_
_chem_comp.id
_chem_comp.type
_chem_comp.name
_chem_comp.formula
CNA non-polymer CARBA-NICOTINAMIDE-ADENINE-DINUCLEOTIDE 'C22 H30 N7 O13 P2 1'
MPD non-polymer (4S)-2-METHYL-2,4-PENTANEDIOL 'C6 H14 O2'
#
# COMPACT_ATOMS: atom_id res chain seq x y z
N MET A 3 28.86 -2.33 12.63
CA MET A 3 27.99 -2.42 11.46
C MET A 3 28.00 -1.13 10.63
N ASP A 4 27.75 -1.25 9.33
CA ASP A 4 27.75 -0.14 8.39
C ASP A 4 26.33 0.37 8.13
N LYS A 5 26.22 1.70 7.87
CA LYS A 5 24.98 2.43 7.60
C LYS A 5 24.24 1.83 6.39
N SER A 6 24.90 1.74 5.21
CA SER A 6 24.30 1.22 3.96
C SER A 6 23.96 -0.28 4.06
N GLU A 7 24.60 -1.01 4.98
CA GLU A 7 24.33 -2.43 5.21
C GLU A 7 22.95 -2.58 5.90
N LEU A 8 22.77 -1.88 7.05
CA LEU A 8 21.55 -1.90 7.85
C LEU A 8 20.34 -1.39 7.04
N VAL A 9 20.56 -0.37 6.17
CA VAL A 9 19.54 0.25 5.31
C VAL A 9 19.06 -0.79 4.28
N GLN A 10 19.98 -1.59 3.73
CA GLN A 10 19.64 -2.64 2.76
C GLN A 10 18.87 -3.78 3.45
N LYS A 11 19.25 -4.11 4.70
CA LYS A 11 18.59 -5.12 5.53
C LYS A 11 17.14 -4.67 5.82
N ALA A 12 16.95 -3.36 6.09
CA ALA A 12 15.65 -2.72 6.34
C ALA A 12 14.78 -2.71 5.06
N LYS A 13 15.37 -2.44 3.88
CA LYS A 13 14.67 -2.47 2.59
C LYS A 13 14.22 -3.91 2.28
N LEU A 14 15.07 -4.91 2.64
CA LEU A 14 14.82 -6.36 2.50
C LEU A 14 13.67 -6.79 3.41
N ALA A 15 13.79 -6.43 4.71
CA ALA A 15 12.81 -6.71 5.76
C ALA A 15 11.43 -6.21 5.35
N GLU A 16 11.37 -4.99 4.74
CA GLU A 16 10.16 -4.37 4.20
C GLU A 16 9.51 -5.26 3.15
N GLN A 17 10.30 -5.80 2.22
CA GLN A 17 9.79 -6.65 1.15
C GLN A 17 9.26 -7.98 1.69
N ALA A 18 9.98 -8.53 2.70
CA ALA A 18 9.69 -9.81 3.38
C ALA A 18 8.55 -9.66 4.41
N GLU A 19 8.06 -8.41 4.60
CA GLU A 19 7.00 -8.04 5.54
C GLU A 19 7.39 -8.41 6.99
N ARG A 20 8.66 -8.18 7.32
CA ARG A 20 9.26 -8.44 8.61
C ARG A 20 9.63 -7.08 9.21
N TYR A 21 8.62 -6.38 9.71
CA TYR A 21 8.73 -5.01 10.19
C TYR A 21 9.46 -4.88 11.51
N ASP A 22 9.45 -5.91 12.39
CA ASP A 22 10.23 -5.87 13.65
C ASP A 22 11.73 -5.87 13.33
N ASP A 23 12.14 -6.60 12.27
CA ASP A 23 13.51 -6.63 11.74
C ASP A 23 13.85 -5.30 11.12
N MET A 24 12.90 -4.75 10.32
CA MET A 24 12.99 -3.48 9.62
C MET A 24 13.23 -2.32 10.59
N ALA A 25 12.46 -2.29 11.72
CA ALA A 25 12.54 -1.27 12.77
C ALA A 25 13.85 -1.33 13.51
N ALA A 26 14.31 -2.56 13.86
CA ALA A 26 15.57 -2.82 14.59
C ALA A 26 16.77 -2.36 13.74
N ALA A 27 16.69 -2.57 12.41
CA ALA A 27 17.71 -2.15 11.45
C ALA A 27 17.81 -0.63 11.46
N MET A 28 16.67 0.06 11.35
CA MET A 28 16.59 1.53 11.34
C MET A 28 16.84 2.16 12.72
N LYS A 29 16.64 1.41 13.83
CA LYS A 29 16.91 1.88 15.19
C LYS A 29 18.41 2.08 15.34
N ALA A 30 19.20 1.09 14.85
CA ALA A 30 20.66 1.10 14.84
C ALA A 30 21.20 2.24 13.96
N VAL A 31 20.61 2.45 12.75
CA VAL A 31 21.00 3.52 11.80
C VAL A 31 20.84 4.90 12.48
N THR A 32 19.79 5.04 13.29
CA THR A 32 19.46 6.28 14.00
C THR A 32 20.40 6.47 15.19
N GLU A 33 20.73 5.36 15.91
CA GLU A 33 21.58 5.38 17.09
C GLU A 33 23.06 5.66 16.76
N GLN A 34 23.40 5.78 15.44
CA GLN A 34 24.71 6.15 14.92
C GLN A 34 24.96 7.67 15.10
N GLY A 35 23.89 8.42 15.40
CA GLY A 35 23.95 9.86 15.65
C GLY A 35 23.99 10.77 14.42
N HIS A 36 23.94 10.19 13.21
CA HIS A 36 23.99 10.98 11.98
C HIS A 36 22.59 11.17 11.38
N GLU A 37 22.28 12.42 10.93
CA GLU A 37 21.01 12.87 10.34
C GLU A 37 20.60 11.94 9.20
N LEU A 38 19.33 11.50 9.23
CA LEU A 38 18.77 10.59 8.24
C LEU A 38 18.41 11.32 6.97
N SER A 39 18.58 10.64 5.83
CA SER A 39 18.18 11.15 4.52
C SER A 39 16.65 11.04 4.42
N ASN A 40 16.03 11.56 3.32
CA ASN A 40 14.59 11.45 3.18
C ASN A 40 14.19 9.98 3.05
N GLU A 41 15.03 9.17 2.36
CA GLU A 41 14.80 7.74 2.21
C GLU A 41 14.87 7.01 3.57
N GLU A 42 15.89 7.31 4.40
CA GLU A 42 16.11 6.68 5.71
C GLU A 42 15.05 7.07 6.74
N ARG A 43 14.55 8.32 6.68
CA ARG A 43 13.49 8.81 7.56
C ARG A 43 12.20 8.02 7.30
N ASN A 44 11.83 7.85 6.02
CA ASN A 44 10.66 7.12 5.56
C ASN A 44 10.77 5.63 5.87
N LEU A 45 11.99 5.05 5.84
CA LEU A 45 12.19 3.64 6.19
C LEU A 45 11.98 3.44 7.69
N LEU A 46 12.51 4.36 8.53
CA LEU A 46 12.32 4.31 9.97
C LEU A 46 10.86 4.47 10.34
N SER A 47 10.16 5.36 9.62
CA SER A 47 8.76 5.68 9.83
C SER A 47 7.83 4.52 9.47
N VAL A 48 7.94 3.94 8.25
CA VAL A 48 7.04 2.86 7.84
C VAL A 48 7.30 1.60 8.69
N ALA A 49 8.55 1.41 9.15
CA ALA A 49 8.96 0.29 10.00
C ALA A 49 8.24 0.33 11.34
N TYR A 50 8.28 1.47 12.03
CA TYR A 50 7.67 1.60 13.34
C TYR A 50 6.15 1.72 13.25
N LYS A 51 5.62 2.30 12.16
CA LYS A 51 4.19 2.44 11.88
C LYS A 51 3.52 1.07 11.92
N ASN A 52 4.15 0.09 11.26
CA ASN A 52 3.71 -1.30 11.16
C ASN A 52 3.97 -2.05 12.46
N VAL A 53 5.15 -1.84 13.10
CA VAL A 53 5.50 -2.44 14.41
C VAL A 53 4.45 -2.03 15.44
N VAL A 54 4.19 -0.70 15.60
CA VAL A 54 3.21 -0.19 16.56
C VAL A 54 1.77 -0.54 16.10
N GLY A 55 1.46 -0.32 14.82
CA GLY A 55 0.16 -0.54 14.18
C GLY A 55 -0.43 -1.92 14.40
N ALA A 56 0.42 -2.95 14.38
CA ALA A 56 0.05 -4.34 14.62
C ALA A 56 -0.42 -4.51 16.08
N ARG A 57 0.29 -3.89 17.04
CA ARG A 57 -0.04 -3.96 18.47
C ARG A 57 -1.29 -3.17 18.78
N ARG A 58 -1.52 -2.05 18.07
CA ARG A 58 -2.71 -1.20 18.23
C ARG A 58 -3.94 -1.99 17.79
N SER A 59 -3.85 -2.67 16.63
CA SER A 59 -4.91 -3.52 16.09
C SER A 59 -5.23 -4.66 17.07
N SER A 60 -4.20 -5.40 17.53
CA SER A 60 -4.31 -6.51 18.47
C SER A 60 -4.92 -6.06 19.78
N TRP A 61 -4.59 -4.81 20.20
CA TRP A 61 -5.12 -4.21 21.43
C TRP A 61 -6.60 -3.90 21.27
N ARG A 62 -6.99 -3.32 20.12
CA ARG A 62 -8.38 -3.02 19.82
C ARG A 62 -9.23 -4.30 19.70
N VAL A 63 -8.61 -5.45 19.38
CA VAL A 63 -9.33 -6.72 19.23
C VAL A 63 -9.59 -7.35 20.62
N ILE A 64 -8.55 -7.53 21.45
CA ILE A 64 -8.65 -8.11 22.80
C ILE A 64 -9.52 -7.25 23.71
N SER A 65 -9.47 -5.90 23.55
CA SER A 65 -10.31 -4.96 24.32
C SER A 65 -11.77 -5.13 23.95
N SER A 66 -12.07 -5.36 22.66
CA SER A 66 -13.41 -5.59 22.12
C SER A 66 -13.95 -6.93 22.59
N ILE A 67 -13.06 -7.91 22.90
CA ILE A 67 -13.43 -9.24 23.39
C ILE A 67 -13.84 -9.10 24.85
N GLU A 68 -13.00 -8.45 25.69
CA GLU A 68 -13.24 -8.20 27.12
C GLU A 68 -14.65 -7.66 27.42
N GLN A 69 -15.18 -6.77 26.55
CA GLN A 69 -16.51 -6.16 26.69
C GLN A 69 -17.62 -7.19 26.42
N LYS A 70 -17.64 -7.78 25.21
CA LYS A 70 -18.64 -8.73 24.73
C LYS A 70 -18.66 -10.09 25.51
N THR A 71 -17.65 -10.34 26.36
CA THR A 71 -17.58 -11.57 27.17
C THR A 71 -17.25 -11.22 28.64
N GLU A 72 -18.13 -10.41 29.28
CA GLU A 72 -18.02 -9.99 30.67
C GLU A 72 -18.76 -11.03 31.56
N ARG A 73 -18.19 -12.26 31.63
CA ARG A 73 -18.76 -13.41 32.33
C ARG A 73 -17.81 -13.95 33.44
N ASN A 74 -17.16 -15.14 33.22
CA ASN A 74 -16.25 -15.82 34.14
C ASN A 74 -15.07 -14.92 34.55
N GLU A 75 -14.69 -14.96 35.85
CA GLU A 75 -13.62 -14.13 36.41
C GLU A 75 -12.21 -14.63 36.01
N LYS A 76 -12.05 -15.93 35.70
CA LYS A 76 -10.78 -16.50 35.25
C LYS A 76 -10.59 -16.22 33.74
N LYS A 77 -11.71 -16.10 32.97
CA LYS A 77 -11.74 -15.78 31.53
C LYS A 77 -11.39 -14.30 31.31
N GLN A 78 -11.86 -13.43 32.22
CA GLN A 78 -11.57 -12.00 32.19
C GLN A 78 -10.11 -11.78 32.59
N GLN A 79 -9.58 -12.59 33.56
CA GLN A 79 -8.19 -12.56 34.03
C GLN A 79 -7.23 -12.98 32.90
N MET A 80 -7.72 -13.77 31.93
CA MET A 80 -6.98 -14.22 30.76
C MET A 80 -6.95 -13.10 29.71
N GLY A 81 -8.12 -12.47 29.51
CA GLY A 81 -8.29 -11.35 28.58
C GLY A 81 -7.52 -10.12 28.99
N LYS A 82 -7.55 -9.77 30.30
CA LYS A 82 -6.85 -8.63 30.91
C LYS A 82 -5.33 -8.84 30.84
N GLU A 83 -4.86 -10.03 31.27
CA GLU A 83 -3.43 -10.40 31.26
C GLU A 83 -2.86 -10.31 29.85
N TYR A 84 -3.65 -10.70 28.84
CA TYR A 84 -3.26 -10.67 27.46
C TYR A 84 -3.28 -9.21 26.92
N ARG A 85 -4.34 -8.42 27.25
CA ARG A 85 -4.47 -7.00 26.85
C ARG A 85 -3.25 -6.22 27.39
N GLU A 86 -2.88 -6.49 28.66
CA GLU A 86 -1.76 -5.88 29.36
C GLU A 86 -0.39 -6.31 28.80
N LYS A 87 -0.28 -7.53 28.20
CA LYS A 87 0.96 -8.01 27.57
C LYS A 87 1.21 -7.18 26.30
N ILE A 88 0.13 -6.96 25.52
CA ILE A 88 0.10 -6.15 24.29
C ILE A 88 0.35 -4.67 24.67
N GLU A 89 -0.28 -4.18 25.77
CA GLU A 89 -0.08 -2.82 26.28
C GLU A 89 1.38 -2.58 26.61
N ALA A 90 2.03 -3.53 27.30
CA ALA A 90 3.45 -3.47 27.63
C ALA A 90 4.32 -3.46 26.39
N GLU A 91 3.93 -4.19 25.33
CA GLU A 91 4.64 -4.20 24.05
C GLU A 91 4.49 -2.83 23.37
N LEU A 92 3.26 -2.27 23.39
CA LEU A 92 2.98 -0.94 22.84
C LEU A 92 3.87 0.11 23.50
N GLN A 93 3.80 0.21 24.85
CA GLN A 93 4.56 1.18 25.66
C GLN A 93 6.06 1.03 25.42
N ASP A 94 6.55 -0.20 25.20
CA ASP A 94 7.97 -0.45 24.92
C ASP A 94 8.34 0.04 23.53
N ILE A 95 7.52 -0.23 22.48
CA ILE A 95 7.73 0.24 21.10
C ILE A 95 7.73 1.79 21.05
N CYS A 96 6.71 2.43 21.67
CA CYS A 96 6.53 3.88 21.67
C CYS A 96 7.70 4.56 22.31
N ASN A 97 8.06 4.15 23.52
CA ASN A 97 9.20 4.66 24.29
C ASN A 97 10.46 4.60 23.46
N ASP A 98 10.75 3.47 22.81
CA ASP A 98 11.89 3.31 21.92
C ASP A 98 11.94 4.37 20.79
N VAL A 99 10.78 4.68 20.12
CA VAL A 99 10.71 5.67 19.03
C VAL A 99 10.72 7.10 19.62
N LEU A 100 10.03 7.35 20.76
CA LEU A 100 10.05 8.65 21.43
C LEU A 100 11.48 8.97 21.92
N GLU A 101 12.23 7.92 22.31
CA GLU A 101 13.64 7.98 22.71
C GLU A 101 14.48 8.36 21.48
N LEU A 102 14.26 7.70 20.32
CA LEU A 102 14.99 8.03 19.09
C LEU A 102 14.70 9.49 18.64
N LEU A 103 13.47 9.98 18.87
CA LEU A 103 13.03 11.33 18.51
C LEU A 103 13.75 12.41 19.34
N ASP A 104 13.66 12.34 20.68
CA ASP A 104 14.27 13.34 21.59
C ASP A 104 15.80 13.31 21.56
N LYS A 105 16.41 12.12 21.61
CA LYS A 105 17.85 11.97 21.62
C LYS A 105 18.53 12.15 20.26
N TYR A 106 17.92 11.72 19.15
CA TYR A 106 18.62 11.78 17.85
C TYR A 106 17.91 12.56 16.73
N LEU A 107 16.62 12.27 16.45
CA LEU A 107 15.86 12.79 15.30
C LEU A 107 15.55 14.29 15.34
N ILE A 108 14.87 14.77 16.40
CA ILE A 108 14.48 16.18 16.55
C ILE A 108 15.77 17.09 16.68
N PRO A 109 16.82 16.76 17.50
CA PRO A 109 18.00 17.63 17.58
C PRO A 109 18.82 17.77 16.28
N ASN A 110 18.86 16.73 15.44
CA ASN A 110 19.63 16.74 14.19
C ASN A 110 18.82 17.27 13.00
N ALA A 111 17.57 17.67 13.23
CA ALA A 111 16.68 18.16 12.18
C ALA A 111 17.04 19.61 11.84
N THR A 112 17.74 19.78 10.69
CA THR A 112 18.20 21.11 10.24
C THR A 112 17.03 21.91 9.59
N GLN A 113 16.56 21.48 8.39
CA GLN A 113 15.47 22.07 7.60
C GLN A 113 14.11 21.92 8.35
N PRO A 114 13.17 22.92 8.25
CA PRO A 114 11.91 22.86 9.03
C PRO A 114 10.97 21.69 8.68
N GLU A 115 10.96 21.27 7.40
CA GLU A 115 10.19 20.16 6.86
C GLU A 115 10.41 18.87 7.70
N SER A 116 11.68 18.45 7.87
CA SER A 116 12.03 17.28 8.66
C SER A 116 11.72 17.52 10.16
N LYS A 117 11.77 18.78 10.64
CA LYS A 117 11.47 19.05 12.05
C LYS A 117 9.98 18.83 12.33
N VAL A 118 9.09 19.35 11.44
CA VAL A 118 7.63 19.18 11.56
C VAL A 118 7.28 17.66 11.48
N PHE A 119 7.94 16.91 10.58
CA PHE A 119 7.76 15.47 10.42
C PHE A 119 8.00 14.74 11.75
N TYR A 120 9.16 15.01 12.41
CA TYR A 120 9.56 14.35 13.67
C TYR A 120 8.71 14.83 14.84
N LEU A 121 8.25 16.08 14.80
CA LEU A 121 7.39 16.58 15.87
C LEU A 121 5.96 16.00 15.75
N LYS A 122 5.45 15.82 14.49
CA LYS A 122 4.16 15.18 14.20
C LYS A 122 4.23 13.73 14.68
N MET A 123 5.37 13.05 14.37
CA MET A 123 5.70 11.69 14.79
C MET A 123 5.66 11.58 16.33
N LYS A 124 6.24 12.56 17.06
CA LYS A 124 6.23 12.61 18.53
C LYS A 124 4.78 12.74 19.04
N GLY A 125 3.96 13.51 18.33
CA GLY A 125 2.55 13.66 18.65
C GLY A 125 1.77 12.36 18.44
N ASP A 126 2.14 11.60 17.39
CA ASP A 126 1.54 10.34 17.00
C ASP A 126 1.73 9.26 18.04
N TYR A 127 2.99 9.03 18.46
CA TYR A 127 3.36 7.99 19.41
C TYR A 127 2.88 8.31 20.84
N PHE A 128 2.73 9.60 21.16
CA PHE A 128 2.18 9.99 22.44
C PHE A 128 0.67 9.75 22.44
N ARG A 129 0.03 9.91 21.28
CA ARG A 129 -1.39 9.63 21.04
C ARG A 129 -1.63 8.10 21.16
N TYR A 130 -0.68 7.27 20.64
CA TYR A 130 -0.78 5.81 20.72
C TYR A 130 -0.69 5.35 22.17
N LEU A 131 0.16 6.04 22.99
CA LEU A 131 0.26 5.80 24.42
C LEU A 131 -1.03 6.18 25.12
N SER A 132 -1.65 7.31 24.75
CA SER A 132 -2.92 7.81 25.31
C SER A 132 -4.08 6.84 25.14
N GLU A 133 -4.11 6.07 24.03
CA GLU A 133 -5.17 5.09 23.71
C GLU A 133 -5.21 3.96 24.74
N VAL A 134 -4.06 3.60 25.33
CA VAL A 134 -3.96 2.50 26.30
C VAL A 134 -3.79 2.99 27.74
N ALA A 135 -3.34 4.25 27.93
CA ALA A 135 -3.11 4.83 29.26
C ALA A 135 -4.42 5.14 29.99
N SER A 136 -4.32 5.28 31.33
CA SER A 136 -5.43 5.60 32.23
C SER A 136 -4.96 6.50 33.37
N GLY A 137 -5.87 7.36 33.84
CA GLY A 137 -5.63 8.30 34.93
C GLY A 137 -4.62 9.42 34.67
N ASP A 138 -3.62 9.51 35.57
CA ASP A 138 -2.55 10.50 35.62
C ASP A 138 -1.58 10.36 34.45
N ASN A 139 -1.24 9.11 34.08
CA ASN A 139 -0.35 8.80 32.95
C ASN A 139 -1.03 9.20 31.65
N LYS A 140 -2.39 9.02 31.56
CA LYS A 140 -3.18 9.40 30.40
C LYS A 140 -3.11 10.93 30.19
N GLN A 141 -3.36 11.72 31.25
CA GLN A 141 -3.31 13.17 31.27
C GLN A 141 -2.00 13.70 30.72
N THR A 142 -0.90 13.04 31.06
CA THR A 142 0.46 13.44 30.70
C THR A 142 0.76 13.12 29.24
N THR A 143 0.42 11.88 28.80
CA THR A 143 0.62 11.40 27.42
C THR A 143 -0.21 12.24 26.45
N VAL A 144 -1.45 12.62 26.88
CA VAL A 144 -2.36 13.44 26.11
C VAL A 144 -1.77 14.85 25.91
N SER A 145 -1.38 15.50 27.01
CA SER A 145 -0.79 16.85 26.98
C SER A 145 0.51 16.88 26.17
N ASN A 146 1.28 15.79 26.20
CA ASN A 146 2.53 15.71 25.45
C ASN A 146 2.29 15.57 23.94
N SER A 147 1.20 14.83 23.56
CA SER A 147 0.74 14.63 22.19
C SER A 147 0.32 15.96 21.59
N GLN A 148 -0.56 16.70 22.30
CA GLN A 148 -1.07 18.00 21.89
C GLN A 148 0.06 19.01 21.71
N GLN A 149 1.02 19.06 22.66
CA GLN A 149 2.17 19.96 22.63
C GLN A 149 3.05 19.69 21.40
N ALA A 150 3.46 18.42 21.18
CA ALA A 150 4.30 18.03 20.06
C ALA A 150 3.60 18.33 18.70
N TYR A 151 2.26 18.08 18.60
CA TYR A 151 1.46 18.39 17.42
C TYR A 151 1.36 19.89 17.20
N GLN A 152 1.19 20.68 18.29
CA GLN A 152 1.08 22.15 18.23
C GLN A 152 2.40 22.80 17.83
N GLU A 153 3.52 22.27 18.36
CA GLU A 153 4.88 22.72 18.04
C GLU A 153 5.10 22.61 16.53
N ALA A 154 4.80 21.43 15.98
CA ALA A 154 4.90 21.08 14.56
C ALA A 154 3.94 21.94 13.70
N PHE A 155 2.76 22.25 14.23
CA PHE A 155 1.74 23.05 13.58
C PHE A 155 2.18 24.49 13.35
N GLU A 156 2.81 25.10 14.38
CA GLU A 156 3.33 26.47 14.35
C GLU A 156 4.54 26.60 13.41
N ILE A 157 5.42 25.60 13.40
CA ILE A 157 6.57 25.63 12.50
C ILE A 157 6.08 25.49 11.05
N SER A 158 5.17 24.53 10.77
CA SER A 158 4.60 24.27 9.43
C SER A 158 3.84 25.46 8.88
N LYS A 159 3.01 26.13 9.72
CA LYS A 159 2.24 27.30 9.30
C LYS A 159 3.11 28.50 8.89
N LYS A 160 4.39 28.52 9.33
CA LYS A 160 5.33 29.62 9.05
C LYS A 160 6.38 29.27 8.00
N GLU A 161 6.85 28.00 7.94
CA GLU A 161 7.91 27.63 7.00
C GLU A 161 7.51 26.63 5.91
N MET A 162 6.20 26.33 5.74
CA MET A 162 5.72 25.34 4.76
C MET A 162 4.45 25.80 4.06
N GLN A 163 4.30 25.37 2.77
CA GLN A 163 3.12 25.69 1.94
C GLN A 163 1.85 25.03 2.48
N PRO A 164 0.64 25.65 2.34
CA PRO A 164 -0.57 25.04 2.92
C PRO A 164 -0.92 23.67 2.32
N THR A 165 -0.27 23.31 1.18
CA THR A 165 -0.45 22.07 0.42
C THR A 165 0.65 21.07 0.69
N HIS A 166 1.65 21.41 1.54
CA HIS A 166 2.75 20.49 1.80
C HIS A 166 2.21 19.19 2.42
N PRO A 167 2.54 18.00 1.82
CA PRO A 167 2.01 16.72 2.34
C PRO A 167 2.30 16.47 3.81
N ILE A 168 3.42 16.99 4.34
CA ILE A 168 3.82 16.85 5.75
C ILE A 168 2.93 17.77 6.61
N ARG A 169 2.64 18.99 6.13
CA ARG A 169 1.75 19.95 6.81
C ARG A 169 0.29 19.41 6.82
N LEU A 170 -0.20 18.88 5.67
CA LEU A 170 -1.55 18.33 5.53
C LEU A 170 -1.75 17.07 6.37
N GLY A 171 -0.75 16.17 6.35
CA GLY A 171 -0.71 14.92 7.11
C GLY A 171 -0.76 15.21 8.58
N LEU A 172 -0.07 16.30 9.02
CA LEU A 172 -0.07 16.79 10.40
C LEU A 172 -1.47 17.24 10.76
N ALA A 173 -2.11 18.04 9.89
CA ALA A 173 -3.48 18.53 10.06
C ALA A 173 -4.49 17.37 10.23
N LEU A 174 -4.33 16.28 9.44
CA LEU A 174 -5.20 15.12 9.50
C LEU A 174 -5.03 14.40 10.85
N ASN A 175 -3.77 14.06 11.21
CA ASN A 175 -3.45 13.35 12.46
C ASN A 175 -3.78 14.16 13.70
N PHE A 176 -3.57 15.50 13.69
CA PHE A 176 -3.90 16.40 14.81
C PHE A 176 -5.42 16.51 15.00
N SER A 177 -6.18 16.65 13.90
CA SER A 177 -7.64 16.74 13.94
C SER A 177 -8.24 15.45 14.48
N VAL A 178 -7.69 14.28 14.08
CA VAL A 178 -8.12 12.93 14.51
C VAL A 178 -7.82 12.79 16.01
N PHE A 179 -6.69 13.35 16.51
CA PHE A 179 -6.32 13.38 17.93
C PHE A 179 -7.43 14.11 18.74
N TYR A 180 -7.92 15.25 18.24
CA TYR A 180 -8.96 16.03 18.91
C TYR A 180 -10.27 15.29 18.92
N TYR A 181 -10.58 14.56 17.83
CA TYR A 181 -11.80 13.79 17.67
C TYR A 181 -11.81 12.51 18.54
N GLU A 182 -10.71 11.72 18.52
CA GLU A 182 -10.61 10.44 19.22
C GLU A 182 -10.12 10.55 20.66
N ILE A 183 -9.06 11.33 20.88
CA ILE A 183 -8.42 11.43 22.19
C ILE A 183 -9.08 12.52 23.06
N LEU A 184 -9.54 13.66 22.50
CA LEU A 184 -10.18 14.69 23.32
C LEU A 184 -11.71 14.77 23.11
N ASN A 185 -12.27 13.88 22.29
CA ASN A 185 -13.70 13.76 21.96
C ASN A 185 -14.34 15.14 21.69
N SER A 186 -13.63 15.93 20.85
CA SER A 186 -14.05 17.26 20.47
C SER A 186 -14.35 17.33 18.97
N PRO A 187 -15.57 16.95 18.49
CA PRO A 187 -15.90 17.14 17.08
C PRO A 187 -15.70 18.59 16.61
N GLU A 188 -15.93 19.60 17.47
CA GLU A 188 -15.79 21.04 17.16
C GLU A 188 -14.32 21.44 16.87
N LYS A 189 -13.38 21.06 17.75
CA LYS A 189 -11.96 21.38 17.58
C LYS A 189 -11.36 20.58 16.41
N ALA A 190 -11.81 19.35 16.21
CA ALA A 190 -11.37 18.48 15.12
C ALA A 190 -11.79 19.05 13.76
N CYS A 191 -13.08 19.47 13.64
CA CYS A 191 -13.68 20.04 12.44
C CYS A 191 -13.05 21.39 12.09
N SER A 192 -12.72 22.20 13.11
CA SER A 192 -12.08 23.50 12.97
C SER A 192 -10.68 23.35 12.39
N LEU A 193 -9.88 22.38 12.87
CA LEU A 193 -8.52 22.13 12.40
C LEU A 193 -8.52 21.65 10.95
N ALA A 194 -9.40 20.66 10.64
CA ALA A 194 -9.58 20.07 9.32
C ALA A 194 -10.11 21.11 8.29
N LYS A 195 -11.14 21.91 8.67
CA LYS A 195 -11.76 22.94 7.84
C LYS A 195 -10.76 24.00 7.44
N THR A 196 -10.04 24.59 8.41
CA THR A 196 -9.03 25.64 8.20
C THR A 196 -7.92 25.10 7.31
N ALA A 197 -7.36 23.90 7.62
CA ALA A 197 -6.28 23.28 6.86
C ALA A 197 -6.68 23.01 5.44
N PHE A 198 -7.93 22.49 5.20
CA PHE A 198 -8.44 22.21 3.85
C PHE A 198 -8.67 23.51 3.12
N ASP A 199 -9.39 24.49 3.75
CA ASP A 199 -9.64 25.84 3.19
C ASP A 199 -8.36 26.57 2.76
N GLU A 200 -7.30 26.50 3.59
CA GLU A 200 -6.01 27.14 3.28
C GLU A 200 -5.28 26.41 2.15
N ALA A 201 -5.47 25.10 2.02
CA ALA A 201 -4.86 24.33 0.95
C ALA A 201 -5.57 24.56 -0.40
N ILE A 202 -6.94 24.66 -0.46
CA ILE A 202 -7.64 24.88 -1.72
C ILE A 202 -7.48 26.34 -2.19
N ALA A 203 -7.12 27.25 -1.26
CA ALA A 203 -6.87 28.67 -1.58
C ALA A 203 -5.54 28.81 -2.30
N GLU A 204 -4.60 27.84 -2.09
CA GLU A 204 -3.26 27.88 -2.62
C GLU A 204 -2.87 26.57 -3.30
N LEU A 205 -3.68 26.13 -4.24
CA LEU A 205 -3.35 24.92 -4.98
C LEU A 205 -2.14 25.15 -5.91
N ASP A 206 -1.83 26.45 -6.23
CA ASP A 206 -0.65 26.89 -7.01
C ASP A 206 0.68 26.49 -6.33
N THR A 207 0.66 26.28 -5.00
CA THR A 207 1.83 25.88 -4.20
C THR A 207 2.13 24.37 -4.29
N LEU A 208 1.30 23.55 -4.96
CA LEU A 208 1.52 22.10 -5.14
C LEU A 208 2.85 21.82 -5.84
N ASN A 209 3.56 20.81 -5.37
CA ASN A 209 4.84 20.40 -5.92
C ASN A 209 4.61 19.36 -6.96
N GLU A 210 5.39 19.42 -8.05
CA GLU A 210 5.25 18.53 -9.21
C GLU A 210 5.71 17.10 -8.89
N GLU A 211 6.27 16.90 -7.71
CA GLU A 211 6.78 15.60 -7.21
C GLU A 211 5.78 14.90 -6.29
N SER A 212 5.10 15.71 -5.42
CA SER A 212 4.18 15.27 -4.37
C SER A 212 2.75 15.84 -4.48
N TYR A 213 2.27 16.18 -5.70
CA TYR A 213 0.92 16.75 -5.88
C TYR A 213 -0.18 15.72 -5.61
N LYS A 214 0.04 14.43 -5.96
CA LYS A 214 -0.93 13.34 -5.73
C LYS A 214 -0.94 12.94 -4.24
N ASP A 215 0.20 13.15 -3.55
CA ASP A 215 0.32 12.93 -2.12
C ASP A 215 -0.57 13.94 -1.41
N SER A 216 -0.49 15.22 -1.83
CA SER A 216 -1.25 16.35 -1.32
C SER A 216 -2.79 16.19 -1.57
N THR A 217 -3.20 15.92 -2.82
CA THR A 217 -4.62 15.75 -3.20
C THR A 217 -5.25 14.60 -2.41
N LEU A 218 -4.53 13.50 -2.16
CA LEU A 218 -5.05 12.36 -1.37
C LEU A 218 -5.33 12.77 0.11
N ILE A 219 -4.39 13.49 0.77
CA ILE A 219 -4.56 13.92 2.17
C ILE A 219 -5.67 14.98 2.24
N MET A 220 -5.85 15.77 1.17
CA MET A 220 -6.92 16.77 1.09
C MET A 220 -8.31 16.11 0.96
N GLN A 221 -8.36 14.93 0.35
CA GLN A 221 -9.58 14.14 0.21
C GLN A 221 -9.92 13.50 1.54
N LEU A 222 -8.90 13.03 2.32
CA LEU A 222 -9.16 12.44 3.64
C LEU A 222 -9.66 13.50 4.63
N LEU A 223 -9.11 14.74 4.55
CA LEU A 223 -9.51 15.90 5.36
C LEU A 223 -10.96 16.26 5.10
N ARG A 224 -11.29 16.46 3.84
CA ARG A 224 -12.65 16.71 3.44
C ARG A 224 -13.62 15.59 3.78
N ASP A 225 -13.24 14.35 3.49
CA ASP A 225 -14.09 13.19 3.79
C ASP A 225 -14.42 13.04 5.26
N ASN A 226 -13.50 13.43 6.15
CA ASN A 226 -13.69 13.41 7.59
C ASN A 226 -14.68 14.47 8.01
N LEU A 227 -14.58 15.65 7.39
CA LEU A 227 -15.43 16.78 7.64
C LEU A 227 -16.85 16.48 7.29
N THR A 228 -17.08 15.82 6.12
CA THR A 228 -18.46 15.47 5.73
C THR A 228 -18.95 14.32 6.65
N LEU A 229 -18.09 13.39 7.07
CA LEU A 229 -18.46 12.29 7.98
C LEU A 229 -18.85 12.79 9.38
N TRP A 230 -18.09 13.74 9.92
CA TRP A 230 -18.24 14.26 11.27
C TRP A 230 -19.42 15.20 11.42
N THR A 231 -19.84 15.85 10.30
CA THR A 231 -20.92 16.84 10.26
C THR A 231 -22.20 16.40 9.54
N SER A 232 -22.24 15.24 8.87
CA SER A 232 -23.43 14.87 8.07
C SER A 232 -24.37 13.92 8.79
N GLU A 233 -25.66 14.28 8.84
CA GLU A 233 -26.76 13.53 9.49
C GLU A 233 -27.37 12.56 8.49
N ASN A 234 -28.01 11.47 8.95
CA ASN A 234 -28.59 10.50 8.04
C ASN A 234 -29.98 10.94 7.64
N MET B 3 1.39 -23.89 33.50
CA MET B 3 0.04 -23.33 33.42
C MET B 3 -1.00 -24.40 33.08
N ASP B 4 -2.26 -24.15 33.46
CA ASP B 4 -3.42 -25.01 33.23
C ASP B 4 -3.71 -25.12 31.71
N LYS B 5 -4.24 -26.30 31.30
CA LYS B 5 -4.60 -26.65 29.93
C LYS B 5 -5.61 -25.66 29.34
N SER B 6 -6.78 -25.47 30.00
CA SER B 6 -7.84 -24.55 29.54
C SER B 6 -7.42 -23.06 29.55
N GLU B 7 -6.39 -22.70 30.36
CA GLU B 7 -5.83 -21.35 30.46
C GLU B 7 -5.03 -21.01 29.20
N LEU B 8 -4.12 -21.93 28.78
CA LEU B 8 -3.28 -21.80 27.59
C LEU B 8 -4.11 -21.84 26.30
N VAL B 9 -5.18 -22.68 26.28
CA VAL B 9 -6.08 -22.85 25.14
C VAL B 9 -6.85 -21.55 24.90
N GLN B 10 -7.29 -20.87 25.98
CA GLN B 10 -8.00 -19.59 25.88
C GLN B 10 -7.05 -18.47 25.39
N LYS B 11 -5.76 -18.50 25.85
CA LYS B 11 -4.70 -17.57 25.44
C LYS B 11 -4.44 -17.75 23.92
N ALA B 12 -4.45 -19.01 23.43
CA ALA B 12 -4.27 -19.39 22.02
C ALA B 12 -5.47 -18.93 21.18
N LYS B 13 -6.71 -19.08 21.69
CA LYS B 13 -7.92 -18.62 21.00
C LYS B 13 -7.92 -17.09 20.87
N LEU B 14 -7.42 -16.38 21.95
CA LEU B 14 -7.24 -14.93 22.03
C LEU B 14 -6.20 -14.46 21.02
N ALA B 15 -4.98 -15.02 21.10
CA ALA B 15 -3.85 -14.72 20.23
C ALA B 15 -4.22 -14.87 18.75
N GLU B 16 -5.08 -15.84 18.43
CA GLU B 16 -5.58 -16.08 17.10
C GLU B 16 -6.42 -14.89 16.61
N GLN B 17 -7.34 -14.39 17.48
CA GLN B 17 -8.21 -13.23 17.17
C GLN B 17 -7.40 -11.94 16.99
N ALA B 18 -6.33 -11.78 17.83
CA ALA B 18 -5.36 -10.67 17.82
C ALA B 18 -4.35 -10.79 16.67
N GLU B 19 -4.40 -11.92 15.90
CA GLU B 19 -3.52 -12.28 14.79
C GLU B 19 -2.06 -12.32 15.24
N ARG B 20 -1.84 -12.88 16.43
CA ARG B 20 -0.55 -13.05 17.07
C ARG B 20 -0.27 -14.58 17.13
N TYR B 21 0.09 -15.14 15.98
CA TYR B 21 0.28 -16.57 15.79
C TYR B 21 1.52 -17.12 16.49
N ASP B 22 2.59 -16.32 16.69
CA ASP B 22 3.77 -16.80 17.43
C ASP B 22 3.39 -17.06 18.91
N ASP B 23 2.49 -16.23 19.47
CA ASP B 23 1.95 -16.37 20.82
C ASP B 23 1.03 -17.58 20.86
N MET B 24 0.18 -17.73 19.81
CA MET B 24 -0.78 -18.82 19.61
C MET B 24 -0.08 -20.18 19.58
N ALA B 25 1.04 -20.28 18.83
CA ALA B 25 1.86 -21.50 18.69
C ALA B 25 2.54 -21.88 19.99
N ALA B 26 3.11 -20.89 20.71
CA ALA B 26 3.80 -21.07 21.99
C ALA B 26 2.81 -21.56 23.06
N ALA B 27 1.56 -21.07 23.03
CA ALA B 27 0.50 -21.49 23.93
C ALA B 27 0.18 -22.96 23.69
N MET B 28 -0.02 -23.36 22.40
CA MET B 28 -0.32 -24.74 22.00
C MET B 28 0.88 -25.68 22.12
N LYS B 29 2.12 -25.15 22.10
CA LYS B 29 3.35 -25.95 22.28
C LYS B 29 3.39 -26.47 23.71
N ALA B 30 3.06 -25.60 24.69
CA ALA B 30 2.98 -25.93 26.11
C ALA B 30 1.86 -26.96 26.38
N VAL B 31 0.66 -26.79 25.73
CA VAL B 31 -0.49 -27.70 25.85
C VAL B 31 -0.09 -29.13 25.38
N THR B 32 0.68 -29.21 24.27
CA THR B 32 1.17 -30.44 23.67
C THR B 32 2.24 -31.08 24.58
N GLU B 33 3.25 -30.28 25.01
CA GLU B 33 4.39 -30.66 25.87
C GLU B 33 4.00 -31.23 27.25
N GLN B 34 2.71 -31.13 27.63
CA GLN B 34 2.19 -31.67 28.90
C GLN B 34 2.18 -33.22 28.85
N GLY B 35 1.82 -33.78 27.69
CA GLY B 35 1.80 -35.22 27.44
C GLY B 35 0.43 -35.84 27.21
N HIS B 36 -0.65 -35.03 27.27
CA HIS B 36 -2.01 -35.54 27.08
C HIS B 36 -2.53 -35.27 25.68
N GLU B 37 -3.21 -36.29 25.08
CA GLU B 37 -3.81 -36.30 23.73
C GLU B 37 -4.69 -35.07 23.51
N LEU B 38 -4.51 -34.39 22.36
CA LEU B 38 -5.28 -33.20 22.01
C LEU B 38 -6.66 -33.53 21.45
N SER B 39 -7.69 -32.72 21.83
CA SER B 39 -9.05 -32.85 21.32
C SER B 39 -9.07 -32.38 19.86
N ASN B 40 -10.21 -32.52 19.13
CA ASN B 40 -10.24 -32.08 17.73
C ASN B 40 -10.05 -30.55 17.66
N GLU B 41 -10.60 -29.82 18.67
CA GLU B 41 -10.45 -28.37 18.78
C GLU B 41 -8.98 -27.97 19.02
N GLU B 42 -8.29 -28.64 19.97
CA GLU B 42 -6.89 -28.37 20.33
C GLU B 42 -5.91 -28.73 19.21
N ARG B 43 -6.18 -29.80 18.44
CA ARG B 43 -5.36 -30.24 17.32
C ARG B 43 -5.38 -29.15 16.23
N ASN B 44 -6.59 -28.65 15.90
CA ASN B 44 -6.82 -27.59 14.91
C ASN B 44 -6.22 -26.25 15.36
N LEU B 45 -6.19 -25.95 16.69
CA LEU B 45 -5.58 -24.73 17.21
C LEU B 45 -4.06 -24.82 17.05
N LEU B 46 -3.45 -25.98 17.37
CA LEU B 46 -2.00 -26.21 17.21
C LEU B 46 -1.62 -26.13 15.74
N SER B 47 -2.47 -26.67 14.87
CA SER B 47 -2.25 -26.71 13.44
C SER B 47 -2.32 -25.34 12.79
N VAL B 48 -3.39 -24.55 13.02
CA VAL B 48 -3.52 -23.23 12.37
C VAL B 48 -2.44 -22.27 12.91
N ALA B 49 -2.03 -22.44 14.18
CA ALA B 49 -1.00 -21.65 14.83
C ALA B 49 0.33 -21.82 14.13
N TYR B 50 0.78 -23.07 13.93
CA TYR B 50 2.07 -23.34 13.30
C TYR B 50 2.03 -23.11 11.78
N LYS B 51 0.87 -23.32 11.14
CA LYS B 51 0.66 -23.09 9.71
C LYS B 51 1.00 -21.63 9.36
N ASN B 52 0.52 -20.69 10.19
CA ASN B 52 0.72 -19.26 10.07
C ASN B 52 2.14 -18.87 10.49
N VAL B 53 2.66 -19.47 11.61
CA VAL B 53 4.03 -19.23 12.09
C VAL B 53 5.02 -19.61 10.98
N VAL B 54 4.90 -20.84 10.43
CA VAL B 54 5.80 -21.32 9.39
C VAL B 54 5.52 -20.59 8.06
N GLY B 55 4.24 -20.47 7.69
CA GLY B 55 3.76 -19.85 6.45
C GLY B 55 4.29 -18.46 6.18
N ALA B 56 4.43 -17.65 7.25
CA ALA B 56 4.98 -16.30 7.21
C ALA B 56 6.47 -16.34 6.81
N ARG B 57 7.24 -17.30 7.38
CA ARG B 57 8.67 -17.46 7.11
C ARG B 57 8.90 -18.01 5.72
N ARG B 58 7.99 -18.88 5.23
CA ARG B 58 8.04 -19.46 3.89
C ARG B 58 7.84 -18.35 2.85
N SER B 59 6.84 -17.47 3.08
CA SER B 59 6.55 -16.33 2.22
C SER B 59 7.75 -15.37 2.20
N SER B 60 8.28 -14.98 3.37
CA SER B 60 9.44 -14.09 3.51
C SER B 60 10.66 -14.68 2.82
N TRP B 61 10.81 -16.02 2.87
CA TRP B 61 11.91 -16.75 2.24
C TRP B 61 11.76 -16.69 0.72
N ARG B 62 10.54 -16.92 0.21
CA ARG B 62 10.26 -16.86 -1.22
C ARG B 62 10.45 -15.44 -1.78
N VAL B 63 10.33 -14.40 -0.93
CA VAL B 63 10.48 -13.01 -1.37
C VAL B 63 11.97 -12.64 -1.47
N ILE B 64 12.77 -12.85 -0.40
CA ILE B 64 14.22 -12.54 -0.35
C ILE B 64 14.98 -13.39 -1.40
N SER B 65 14.56 -14.65 -1.64
CA SER B 65 15.16 -15.54 -2.64
C SER B 65 14.92 -15.00 -4.05
N SER B 66 13.71 -14.45 -4.29
CA SER B 66 13.31 -13.86 -5.56
C SER B 66 14.06 -12.56 -5.81
N ILE B 67 14.49 -11.88 -4.73
CA ILE B 67 15.26 -10.62 -4.80
C ILE B 67 16.69 -10.97 -5.23
N GLU B 68 17.34 -11.92 -4.52
CA GLU B 68 18.70 -12.39 -4.79
C GLU B 68 18.97 -12.68 -6.28
N GLN B 69 17.97 -13.26 -6.99
CA GLN B 69 18.07 -13.60 -8.41
C GLN B 69 18.06 -12.34 -9.30
N LYS B 70 16.99 -11.54 -9.20
CA LYS B 70 16.75 -10.32 -9.99
C LYS B 70 17.74 -9.16 -9.71
N THR B 71 18.46 -9.18 -8.56
CA THR B 71 19.42 -8.11 -8.23
C THR B 71 20.83 -8.68 -8.06
N GLU B 72 21.49 -8.98 -9.20
CA GLU B 72 22.85 -9.53 -9.24
C GLU B 72 23.85 -8.48 -9.75
N ARG B 73 24.43 -7.68 -8.83
CA ARG B 73 25.41 -6.64 -9.14
C ARG B 73 26.40 -6.44 -7.99
N ASN B 74 26.04 -5.60 -6.99
CA ASN B 74 26.88 -5.36 -5.83
C ASN B 74 26.98 -6.65 -5.03
N GLU B 75 28.21 -7.14 -4.86
CA GLU B 75 28.49 -8.37 -4.13
C GLU B 75 28.23 -8.16 -2.63
N LYS B 76 28.28 -6.90 -2.15
CA LYS B 76 27.96 -6.54 -0.78
C LYS B 76 26.43 -6.60 -0.58
N LYS B 77 25.65 -6.29 -1.65
CA LYS B 77 24.17 -6.34 -1.67
C LYS B 77 23.69 -7.79 -1.69
N GLN B 78 24.40 -8.65 -2.44
CA GLN B 78 24.13 -10.07 -2.56
C GLN B 78 24.38 -10.81 -1.25
N GLN B 79 25.41 -10.36 -0.49
CA GLN B 79 25.79 -10.88 0.83
C GLN B 79 24.71 -10.53 1.86
N MET B 80 24.19 -9.27 1.79
CA MET B 80 23.11 -8.76 2.64
C MET B 80 21.85 -9.60 2.43
N GLY B 81 21.57 -9.93 1.17
CA GLY B 81 20.45 -10.77 0.76
C GLY B 81 20.57 -12.20 1.25
N LYS B 82 21.79 -12.77 1.15
CA LYS B 82 22.13 -14.14 1.60
C LYS B 82 22.02 -14.24 3.13
N GLU B 83 22.66 -13.30 3.85
CA GLU B 83 22.64 -13.24 5.32
C GLU B 83 21.21 -13.15 5.85
N TYR B 84 20.35 -12.41 5.14
CA TYR B 84 18.96 -12.24 5.52
C TYR B 84 18.15 -13.51 5.18
N ARG B 85 18.38 -14.10 3.97
CA ARG B 85 17.71 -15.36 3.55
C ARG B 85 18.02 -16.46 4.56
N GLU B 86 19.30 -16.55 5.00
CA GLU B 86 19.82 -17.51 5.97
C GLU B 86 19.27 -17.28 7.38
N LYS B 87 18.92 -16.02 7.74
CA LYS B 87 18.32 -15.68 9.05
C LYS B 87 16.90 -16.28 9.11
N ILE B 88 16.15 -16.12 8.00
CA ILE B 88 14.79 -16.63 7.77
C ILE B 88 14.86 -18.17 7.71
N GLU B 89 15.88 -18.72 7.00
CA GLU B 89 16.12 -20.17 6.90
C GLU B 89 16.32 -20.78 8.28
N ALA B 90 17.17 -20.12 9.12
CA ALA B 90 17.41 -20.50 10.52
C ALA B 90 16.08 -20.57 11.27
N GLU B 91 15.22 -19.51 11.13
CA GLU B 91 13.90 -19.42 11.76
C GLU B 91 12.98 -20.53 11.29
N LEU B 92 12.92 -20.76 9.95
CA LEU B 92 12.13 -21.81 9.28
C LEU B 92 12.50 -23.21 9.81
N GLN B 93 13.83 -23.48 9.95
CA GLN B 93 14.43 -24.73 10.43
C GLN B 93 14.03 -25.00 11.87
N ASP B 94 14.16 -23.98 12.73
CA ASP B 94 13.79 -24.01 14.15
C ASP B 94 12.28 -24.26 14.36
N ILE B 95 11.41 -23.69 13.46
CA ILE B 95 9.94 -23.84 13.53
C ILE B 95 9.60 -25.29 13.28
N CYS B 96 9.96 -25.81 12.09
CA CYS B 96 9.72 -27.19 11.66
C CYS B 96 10.26 -28.19 12.68
N ASN B 97 11.47 -27.96 13.25
CA ASN B 97 12.09 -28.83 14.27
C ASN B 97 11.22 -28.91 15.51
N ASP B 98 10.77 -27.75 16.03
CA ASP B 98 9.88 -27.66 17.18
C ASP B 98 8.56 -28.44 16.99
N VAL B 99 7.92 -28.36 15.78
CA VAL B 99 6.65 -29.05 15.48
C VAL B 99 6.95 -30.55 15.19
N LEU B 100 8.06 -30.88 14.49
CA LEU B 100 8.45 -32.28 14.22
C LEU B 100 8.78 -32.97 15.54
N GLU B 101 9.33 -32.21 16.52
CA GLU B 101 9.62 -32.65 17.88
C GLU B 101 8.30 -32.95 18.60
N LEU B 102 7.31 -32.03 18.51
CA LEU B 102 5.99 -32.24 19.14
C LEU B 102 5.27 -33.47 18.52
N LEU B 103 5.48 -33.72 17.21
CA LEU B 103 4.88 -34.84 16.49
C LEU B 103 5.43 -36.21 16.95
N ASP B 104 6.76 -36.41 16.90
CA ASP B 104 7.40 -37.67 17.27
C ASP B 104 7.29 -37.98 18.77
N LYS B 105 7.55 -36.97 19.63
CA LYS B 105 7.52 -37.14 21.08
C LYS B 105 6.11 -37.19 21.69
N TYR B 106 5.14 -36.41 21.17
CA TYR B 106 3.82 -36.35 21.82
C TYR B 106 2.61 -36.70 20.95
N LEU B 107 2.47 -36.07 19.75
CA LEU B 107 1.27 -36.17 18.88
C LEU B 107 1.04 -37.54 18.23
N ILE B 108 2.02 -38.07 17.47
CA ILE B 108 1.90 -39.37 16.78
C ILE B 108 1.77 -40.53 17.82
N PRO B 109 2.58 -40.62 18.93
CA PRO B 109 2.41 -41.74 19.88
C PRO B 109 1.07 -41.79 20.63
N ASN B 110 0.46 -40.62 20.91
CA ASN B 110 -0.81 -40.55 21.64
C ASN B 110 -2.04 -40.58 20.71
N ALA B 111 -1.85 -40.59 19.37
CA ALA B 111 -2.97 -40.63 18.41
C ALA B 111 -3.55 -42.04 18.36
N THR B 112 -4.73 -42.24 19.01
CA THR B 112 -5.42 -43.52 19.14
C THR B 112 -6.12 -43.90 17.81
N GLN B 113 -7.14 -43.13 17.42
CA GLN B 113 -7.94 -43.31 16.20
C GLN B 113 -7.07 -43.11 14.92
N PRO B 114 -7.38 -43.80 13.79
CA PRO B 114 -6.56 -43.64 12.58
C PRO B 114 -6.61 -42.25 11.95
N GLU B 115 -7.80 -41.58 11.99
CA GLU B 115 -8.05 -40.22 11.46
C GLU B 115 -6.98 -39.23 12.00
N SER B 116 -6.73 -39.26 13.33
CA SER B 116 -5.75 -38.46 14.06
C SER B 116 -4.31 -38.86 13.69
N LYS B 117 -4.07 -40.16 13.47
CA LYS B 117 -2.76 -40.68 13.07
C LYS B 117 -2.40 -40.22 11.65
N VAL B 118 -3.39 -40.19 10.71
CA VAL B 118 -3.21 -39.73 9.32
C VAL B 118 -2.85 -38.24 9.33
N PHE B 119 -3.63 -37.43 10.08
CA PHE B 119 -3.49 -35.98 10.24
C PHE B 119 -2.06 -35.61 10.67
N TYR B 120 -1.56 -36.23 11.76
CA TYR B 120 -0.22 -35.97 12.31
C TYR B 120 0.88 -36.50 11.41
N LEU B 121 0.63 -37.58 10.68
CA LEU B 121 1.64 -38.11 9.76
C LEU B 121 1.73 -37.23 8.49
N LYS B 122 0.58 -36.69 8.00
CA LYS B 122 0.52 -35.76 6.87
C LYS B 122 1.27 -34.48 7.27
N MET B 123 1.02 -34.00 8.51
CA MET B 123 1.67 -32.86 9.15
C MET B 123 3.19 -33.06 9.18
N LYS B 124 3.68 -34.27 9.56
CA LYS B 124 5.11 -34.62 9.58
C LYS B 124 5.69 -34.56 8.16
N GLY B 125 4.90 -34.96 7.17
CA GLY B 125 5.29 -34.87 5.76
C GLY B 125 5.41 -33.43 5.30
N ASP B 126 4.48 -32.57 5.79
CA ASP B 126 4.39 -31.15 5.46
C ASP B 126 5.60 -30.38 5.92
N TYR B 127 5.96 -30.50 7.21
CA TYR B 127 7.07 -29.77 7.82
C TYR B 127 8.44 -30.27 7.34
N PHE B 128 8.52 -31.55 6.92
CA PHE B 128 9.75 -32.06 6.33
C PHE B 128 9.90 -31.51 4.91
N ARG B 129 8.76 -31.30 4.22
CA ARG B 129 8.70 -30.68 2.89
C ARG B 129 9.11 -29.19 3.00
N TYR B 130 8.70 -28.50 4.08
CA TYR B 130 9.06 -27.08 4.30
C TYR B 130 10.57 -26.97 4.53
N LEU B 131 11.19 -27.97 5.22
CA LEU B 131 12.63 -28.06 5.42
C LEU B 131 13.33 -28.29 4.09
N SER B 132 12.77 -29.16 3.23
CA SER B 132 13.31 -29.50 1.91
C SER B 132 13.41 -28.29 0.97
N GLU B 133 12.46 -27.34 1.07
CA GLU B 133 12.40 -26.14 0.23
C GLU B 133 13.63 -25.25 0.42
N VAL B 134 14.19 -25.24 1.65
CA VAL B 134 15.35 -24.40 1.99
C VAL B 134 16.66 -25.20 2.07
N ALA B 135 16.59 -26.53 2.26
CA ALA B 135 17.78 -27.37 2.37
C ALA B 135 18.49 -27.58 1.02
N SER B 136 19.77 -27.97 1.09
CA SER B 136 20.63 -28.22 -0.08
C SER B 136 21.57 -29.40 0.18
N GLY B 137 21.86 -30.15 -0.89
CA GLY B 137 22.74 -31.32 -0.88
C GLY B 137 22.26 -32.53 -0.10
N ASP B 138 23.12 -32.98 0.85
CA ASP B 138 22.94 -34.15 1.72
C ASP B 138 21.80 -33.97 2.72
N ASN B 139 21.69 -32.75 3.30
CA ASN B 139 20.63 -32.40 4.25
C ASN B 139 19.27 -32.40 3.55
N LYS B 140 19.22 -31.94 2.28
CA LYS B 140 18.01 -31.90 1.43
C LYS B 140 17.49 -33.30 1.16
N GLN B 141 18.41 -34.23 0.85
CA GLN B 141 18.14 -35.64 0.55
C GLN B 141 17.46 -36.35 1.73
N THR B 142 17.94 -36.06 2.97
CA THR B 142 17.46 -36.63 4.25
C THR B 142 15.99 -36.23 4.51
N THR B 143 15.70 -34.91 4.40
CA THR B 143 14.36 -34.33 4.63
C THR B 143 13.36 -34.77 3.55
N VAL B 144 13.75 -34.77 2.24
CA VAL B 144 12.87 -35.19 1.13
C VAL B 144 12.44 -36.65 1.36
N SER B 145 13.40 -37.51 1.78
CA SER B 145 13.12 -38.92 2.07
C SER B 145 12.20 -39.08 3.29
N ASN B 146 12.37 -38.22 4.31
CA ASN B 146 11.55 -38.25 5.52
C ASN B 146 10.13 -37.74 5.24
N SER B 147 9.99 -36.73 4.34
CA SER B 147 8.72 -36.15 3.89
C SER B 147 7.91 -37.21 3.18
N GLN B 148 8.52 -37.89 2.17
CA GLN B 148 7.91 -38.93 1.37
C GLN B 148 7.45 -40.09 2.25
N GLN B 149 8.30 -40.54 3.20
CA GLN B 149 8.02 -41.64 4.15
C GLN B 149 6.79 -41.32 5.01
N ALA B 150 6.79 -40.14 5.68
CA ALA B 150 5.69 -39.71 6.55
C ALA B 150 4.37 -39.56 5.76
N TYR B 151 4.43 -39.04 4.51
CA TYR B 151 3.27 -38.91 3.61
C TYR B 151 2.77 -40.28 3.18
N GLN B 152 3.70 -41.23 2.87
CA GLN B 152 3.37 -42.59 2.43
C GLN B 152 2.75 -43.39 3.58
N GLU B 153 3.28 -43.25 4.81
CA GLU B 153 2.79 -43.89 6.02
C GLU B 153 1.32 -43.53 6.22
N ALA B 154 1.00 -42.21 6.22
CA ALA B 154 -0.35 -41.69 6.34
C ALA B 154 -1.24 -42.18 5.19
N PHE B 155 -0.70 -42.20 3.95
CA PHE B 155 -1.40 -42.63 2.74
C PHE B 155 -1.93 -44.06 2.84
N GLU B 156 -1.09 -44.98 3.37
CA GLU B 156 -1.43 -46.39 3.57
C GLU B 156 -2.46 -46.56 4.68
N ILE B 157 -2.35 -45.79 5.76
CA ILE B 157 -3.32 -45.86 6.86
C ILE B 157 -4.69 -45.34 6.36
N SER B 158 -4.71 -44.17 5.67
CA SER B 158 -5.91 -43.53 5.13
C SER B 158 -6.63 -44.41 4.10
N LYS B 159 -5.88 -45.06 3.18
CA LYS B 159 -6.45 -45.92 2.14
C LYS B 159 -7.15 -47.17 2.73
N LYS B 160 -6.81 -47.55 3.99
CA LYS B 160 -7.35 -48.73 4.66
C LYS B 160 -8.41 -48.40 5.72
N GLU B 161 -8.26 -47.28 6.46
CA GLU B 161 -9.18 -46.94 7.55
C GLU B 161 -10.04 -45.68 7.34
N MET B 162 -10.02 -45.07 6.12
CA MET B 162 -10.77 -43.84 5.84
C MET B 162 -11.47 -43.87 4.47
N GLN B 163 -12.61 -43.16 4.35
CA GLN B 163 -13.43 -43.04 3.12
C GLN B 163 -12.65 -42.27 2.04
N PRO B 164 -12.82 -42.56 0.72
CA PRO B 164 -12.04 -41.85 -0.31
C PRO B 164 -12.33 -40.35 -0.38
N THR B 165 -13.44 -39.89 0.24
CA THR B 165 -13.85 -38.49 0.30
C THR B 165 -13.54 -37.85 1.68
N HIS B 166 -12.83 -38.56 2.61
CA HIS B 166 -12.48 -37.98 3.92
C HIS B 166 -11.60 -36.74 3.69
N PRO B 167 -11.98 -35.56 4.26
CA PRO B 167 -11.19 -34.33 4.05
C PRO B 167 -9.71 -34.45 4.43
N ILE B 168 -9.37 -35.29 5.42
CA ILE B 168 -8.00 -35.52 5.89
C ILE B 168 -7.27 -36.40 4.84
N ARG B 169 -7.97 -37.39 4.25
CA ARG B 169 -7.43 -38.26 3.19
C ARG B 169 -7.20 -37.46 1.90
N LEU B 170 -8.18 -36.61 1.50
CA LEU B 170 -8.12 -35.76 0.30
C LEU B 170 -7.05 -34.68 0.41
N GLY B 171 -6.97 -34.04 1.58
CA GLY B 171 -5.99 -33.02 1.92
C GLY B 171 -4.58 -33.58 1.85
N LEU B 172 -4.42 -34.86 2.30
CA LEU B 172 -3.17 -35.59 2.24
C LEU B 172 -2.79 -35.81 0.77
N ALA B 173 -3.76 -36.26 -0.06
CA ALA B 173 -3.59 -36.48 -1.49
C ALA B 173 -3.11 -35.20 -2.21
N LEU B 174 -3.69 -34.04 -1.86
CA LEU B 174 -3.33 -32.73 -2.43
C LEU B 174 -1.89 -32.36 -2.06
N ASN B 175 -1.56 -32.38 -0.76
CA ASN B 175 -0.23 -32.03 -0.24
C ASN B 175 0.87 -33.00 -0.70
N PHE B 176 0.57 -34.32 -0.79
CA PHE B 176 1.53 -35.34 -1.27
C PHE B 176 1.80 -35.16 -2.77
N SER B 177 0.75 -34.91 -3.59
CA SER B 177 0.90 -34.70 -5.03
C SER B 177 1.71 -33.44 -5.32
N VAL B 178 1.51 -32.36 -4.53
CA VAL B 178 2.22 -31.08 -4.63
C VAL B 178 3.69 -31.30 -4.25
N PHE B 179 3.98 -32.19 -3.26
CA PHE B 179 5.34 -32.59 -2.86
C PHE B 179 6.08 -33.21 -4.06
N TYR B 180 5.41 -34.10 -4.81
CA TYR B 180 6.00 -34.76 -5.98
C TYR B 180 6.27 -33.76 -7.10
N TYR B 181 5.37 -32.79 -7.27
CA TYR B 181 5.46 -31.75 -8.30
C TYR B 181 6.55 -30.71 -7.98
N GLU B 182 6.59 -30.18 -6.75
CA GLU B 182 7.50 -29.12 -6.33
C GLU B 182 8.85 -29.62 -5.83
N ILE B 183 8.84 -30.64 -4.96
CA ILE B 183 10.05 -31.14 -4.31
C ILE B 183 10.77 -32.21 -5.17
N LEU B 184 10.03 -33.08 -5.90
CA LEU B 184 10.69 -34.10 -6.70
C LEU B 184 10.60 -33.82 -8.22
N ASN B 185 9.99 -32.67 -8.61
CA ASN B 185 9.81 -32.18 -9.99
C ASN B 185 9.33 -33.32 -10.91
N SER B 186 8.31 -34.05 -10.45
CA SER B 186 7.72 -35.16 -11.16
C SER B 186 6.25 -34.87 -11.51
N PRO B 187 5.97 -34.16 -12.65
CA PRO B 187 4.57 -33.98 -13.06
C PRO B 187 3.79 -35.30 -13.20
N GLU B 188 4.47 -36.40 -13.62
CA GLU B 188 3.90 -37.74 -13.82
C GLU B 188 3.41 -38.37 -12.50
N LYS B 189 4.28 -38.39 -11.45
CA LYS B 189 3.94 -38.96 -10.14
C LYS B 189 2.88 -38.10 -9.43
N ALA B 190 2.96 -36.77 -9.60
CA ALA B 190 2.03 -35.81 -9.01
C ALA B 190 0.62 -35.99 -9.60
N CYS B 191 0.53 -36.10 -10.95
CA CYS B 191 -0.71 -36.27 -11.70
C CYS B 191 -1.35 -37.63 -11.40
N SER B 192 -0.53 -38.68 -11.22
CA SER B 192 -0.98 -40.03 -10.89
C SER B 192 -1.63 -40.06 -9.50
N LEU B 193 -1.03 -39.39 -8.50
CA LEU B 193 -1.56 -39.34 -7.13
C LEU B 193 -2.89 -38.59 -7.08
N ALA B 194 -2.94 -37.40 -7.73
CA ALA B 194 -4.11 -36.53 -7.83
C ALA B 194 -5.26 -37.21 -8.60
N LYS B 195 -4.96 -37.83 -9.77
CA LYS B 195 -5.92 -38.52 -10.64
C LYS B 195 -6.59 -39.67 -9.90
N THR B 196 -5.81 -40.57 -9.29
CA THR B 196 -6.28 -41.74 -8.54
C THR B 196 -7.15 -41.29 -7.35
N ALA B 197 -6.66 -40.32 -6.55
CA ALA B 197 -7.37 -39.77 -5.39
C ALA B 197 -8.70 -39.15 -5.77
N PHE B 198 -8.73 -38.37 -6.88
CA PHE B 198 -9.95 -37.72 -7.38
C PHE B 198 -10.91 -38.80 -7.92
N ASP B 199 -10.41 -39.72 -8.78
CA ASP B 199 -11.18 -40.84 -9.36
C ASP B 199 -11.83 -41.71 -8.27
N GLU B 200 -11.10 -42.03 -7.19
CA GLU B 200 -11.61 -42.84 -6.07
C GLU B 200 -12.65 -42.08 -5.26
N ALA B 201 -12.53 -40.74 -5.17
CA ALA B 201 -13.48 -39.91 -4.45
C ALA B 201 -14.81 -39.74 -5.25
N ILE B 202 -14.76 -39.56 -6.60
CA ILE B 202 -16.00 -39.39 -7.40
C ILE B 202 -16.72 -40.76 -7.58
N ALA B 203 -15.98 -41.88 -7.40
CA ALA B 203 -16.55 -43.22 -7.47
C ALA B 203 -17.37 -43.54 -6.22
N GLU B 204 -16.99 -42.94 -5.08
CA GLU B 204 -17.63 -43.12 -3.78
C GLU B 204 -18.05 -41.76 -3.18
N LEU B 205 -18.96 -41.03 -3.87
CA LEU B 205 -19.53 -39.78 -3.36
C LEU B 205 -20.57 -40.08 -2.25
N ASP B 206 -21.11 -41.32 -2.23
CA ASP B 206 -22.06 -41.85 -1.23
C ASP B 206 -21.49 -41.82 0.19
N THR B 207 -20.14 -41.83 0.32
CA THR B 207 -19.41 -41.81 1.60
C THR B 207 -19.33 -40.38 2.22
N LEU B 208 -19.78 -39.32 1.50
CA LEU B 208 -19.77 -37.93 2.00
C LEU B 208 -20.65 -37.78 3.24
N ASN B 209 -20.19 -37.00 4.22
CA ASN B 209 -20.97 -36.73 5.42
C ASN B 209 -21.75 -35.45 5.22
N GLU B 210 -23.00 -35.42 5.71
CA GLU B 210 -23.91 -34.29 5.56
C GLU B 210 -23.48 -33.04 6.39
N GLU B 211 -22.41 -33.16 7.21
CA GLU B 211 -21.87 -32.07 8.03
C GLU B 211 -20.54 -31.54 7.49
N SER B 212 -19.78 -32.38 6.74
CA SER B 212 -18.48 -32.03 6.17
C SER B 212 -18.35 -32.44 4.67
N TYR B 213 -19.43 -32.24 3.88
CA TYR B 213 -19.42 -32.53 2.43
C TYR B 213 -18.78 -31.39 1.62
N LYS B 214 -18.92 -30.13 2.08
CA LYS B 214 -18.36 -28.94 1.42
C LYS B 214 -16.84 -28.88 1.62
N ASP B 215 -16.34 -29.48 2.72
CA ASP B 215 -14.90 -29.58 3.00
C ASP B 215 -14.26 -30.47 1.95
N SER B 216 -14.90 -31.61 1.67
CA SER B 216 -14.48 -32.63 0.72
C SER B 216 -14.56 -32.14 -0.73
N THR B 217 -15.70 -31.50 -1.15
CA THR B 217 -15.88 -30.99 -2.52
C THR B 217 -14.87 -29.87 -2.83
N LEU B 218 -14.50 -29.02 -1.84
CA LEU B 218 -13.49 -27.95 -2.01
C LEU B 218 -12.09 -28.55 -2.32
N ILE B 219 -11.64 -29.57 -1.54
CA ILE B 219 -10.33 -30.21 -1.76
C ILE B 219 -10.36 -31.00 -3.09
N MET B 220 -11.56 -31.51 -3.50
CA MET B 220 -11.78 -32.23 -4.76
C MET B 220 -11.75 -31.29 -5.98
N GLN B 221 -11.93 -29.97 -5.76
CA GLN B 221 -11.84 -28.92 -6.77
C GLN B 221 -10.39 -28.48 -6.92
N LEU B 222 -9.64 -28.35 -5.79
CA LEU B 222 -8.22 -27.98 -5.78
C LEU B 222 -7.35 -29.04 -6.47
N LEU B 223 -7.75 -30.33 -6.32
CA LEU B 223 -7.07 -31.47 -6.96
C LEU B 223 -7.47 -31.59 -8.44
N ARG B 224 -8.69 -31.10 -8.80
CA ARG B 224 -9.20 -31.11 -10.17
C ARG B 224 -8.59 -29.95 -10.97
N ASP B 225 -8.38 -28.79 -10.32
CA ASP B 225 -7.78 -27.60 -10.94
C ASP B 225 -6.28 -27.81 -11.21
N ASN B 226 -5.60 -28.61 -10.35
CA ASN B 226 -4.17 -28.92 -10.48
C ASN B 226 -3.89 -29.83 -11.67
N LEU B 227 -4.71 -30.88 -11.89
CA LEU B 227 -4.57 -31.84 -13.00
C LEU B 227 -4.74 -31.15 -14.37
N THR B 228 -5.68 -30.18 -14.46
CA THR B 228 -5.95 -29.40 -15.68
C THR B 228 -4.84 -28.37 -15.90
N LEU B 229 -4.23 -27.87 -14.81
CA LEU B 229 -3.12 -26.91 -14.85
C LEU B 229 -1.81 -27.60 -15.27
N TRP B 230 -1.55 -28.79 -14.71
CA TRP B 230 -0.33 -29.57 -14.92
C TRP B 230 -0.26 -30.26 -16.28
N THR B 231 -1.41 -30.71 -16.86
CA THR B 231 -1.42 -31.41 -18.15
C THR B 231 -1.83 -30.45 -19.31
N SER B 232 -1.62 -29.13 -19.13
CA SER B 232 -1.95 -28.12 -20.13
C SER B 232 -0.81 -27.93 -21.14
N GLY C 23 6.07 19.67 -47.03
CA GLY C 23 5.29 18.88 -47.98
C GLY C 23 3.79 19.09 -47.82
N ALA C 24 3.15 18.25 -46.95
CA ALA C 24 1.72 18.40 -46.60
C ALA C 24 1.59 19.65 -45.75
N ASP C 25 2.74 20.03 -45.15
CA ASP C 25 3.01 21.21 -44.37
C ASP C 25 3.13 22.43 -45.28
N LYS C 26 3.85 22.28 -46.42
CA LYS C 26 4.06 23.36 -47.40
C LYS C 26 2.71 23.79 -47.97
N ALA C 27 1.82 22.82 -48.24
CA ALA C 27 0.47 23.07 -48.71
C ALA C 27 -0.30 23.91 -47.68
N LEU C 28 -0.26 23.44 -46.39
CA LEU C 28 -0.91 24.09 -45.24
C LEU C 28 -0.40 25.49 -45.03
N ALA C 29 0.94 25.69 -45.00
CA ALA C 29 1.53 27.02 -44.84
C ALA C 29 1.04 27.95 -45.95
N ASP C 30 0.83 27.42 -47.18
CA ASP C 30 0.33 28.18 -48.32
C ASP C 30 -1.17 28.47 -48.14
N GLY C 31 -1.93 27.48 -47.68
CA GLY C 31 -3.35 27.60 -47.39
C GLY C 31 -3.66 28.64 -46.33
N LEU C 32 -2.85 28.66 -45.24
CA LEU C 32 -3.01 29.59 -44.13
C LEU C 32 -2.77 31.04 -44.56
N VAL C 33 -1.70 31.36 -45.32
CA VAL C 33 -1.54 32.78 -45.72
C VAL C 33 -2.58 33.14 -46.83
N LYS C 34 -3.02 32.16 -47.63
CA LYS C 34 -4.06 32.39 -48.63
C LYS C 34 -5.36 32.76 -47.93
N ARG C 35 -5.69 32.01 -46.86
CA ARG C 35 -6.92 32.16 -46.09
C ARG C 35 -6.90 33.34 -45.14
N PHE C 36 -5.81 33.54 -44.35
CA PHE C 36 -5.82 34.57 -43.31
C PHE C 36 -4.87 35.74 -43.56
N GLY C 37 -4.19 35.78 -44.71
CA GLY C 37 -3.34 36.90 -45.08
C GLY C 37 -2.34 37.31 -44.01
N ALA C 38 -2.30 38.63 -43.68
CA ALA C 38 -1.36 39.20 -42.70
C ALA C 38 -1.57 38.67 -41.28
N ASP C 39 -2.79 38.16 -41.00
CA ASP C 39 -3.16 37.57 -39.70
C ASP C 39 -2.35 36.34 -39.44
N ALA C 40 -2.11 35.53 -40.49
CA ALA C 40 -1.31 34.31 -40.44
C ALA C 40 0.17 34.66 -40.46
N GLU C 41 0.59 35.46 -41.45
CA GLU C 41 1.96 35.91 -41.72
C GLU C 41 2.64 36.58 -40.53
N LYS C 42 1.89 37.28 -39.65
CA LYS C 42 2.49 37.98 -38.51
C LYS C 42 3.18 37.02 -37.50
N TYR C 43 2.87 35.70 -37.53
CA TYR C 43 3.48 34.72 -36.62
C TYR C 43 4.73 34.06 -37.19
N LEU C 44 5.08 34.32 -38.47
CA LEU C 44 6.26 33.76 -39.13
C LEU C 44 7.55 34.20 -38.40
N GLY C 45 8.35 33.19 -38.03
CA GLY C 45 9.59 33.35 -37.28
C GLY C 45 9.46 33.82 -35.84
N ARG C 46 8.24 33.70 -35.23
CA ARG C 46 8.00 34.14 -33.85
C ARG C 46 8.60 33.13 -32.87
N GLN C 47 8.84 31.89 -33.34
CA GLN C 47 9.50 30.86 -32.54
C GLN C 47 10.85 30.52 -33.22
N PRO C 48 11.92 31.36 -33.07
CA PRO C 48 13.20 31.09 -33.75
C PRO C 48 13.95 29.83 -33.26
N GLY C 49 13.39 29.13 -32.24
CA GLY C 49 13.90 27.84 -31.73
C GLY C 49 13.85 26.82 -32.86
N GLY C 50 12.74 26.81 -33.58
CA GLY C 50 12.53 26.00 -34.77
C GLY C 50 11.98 24.60 -34.59
N ILE C 51 11.40 24.26 -33.41
CA ILE C 51 10.82 22.92 -33.22
C ILE C 51 9.66 22.71 -34.22
N HIS C 52 8.78 23.73 -34.37
CA HIS C 52 7.61 23.70 -35.23
C HIS C 52 7.84 24.42 -36.56
N SER C 53 7.16 23.94 -37.60
CA SER C 53 7.22 24.49 -38.96
C SER C 53 6.46 25.78 -39.06
N ASP C 54 6.62 26.49 -40.17
CA ASP C 54 5.91 27.76 -40.41
C ASP C 54 4.39 27.58 -40.31
N ALA C 55 3.83 26.50 -40.90
CA ALA C 55 2.40 26.20 -40.85
C ALA C 55 1.92 25.97 -39.43
N GLU C 56 2.68 25.22 -38.60
CA GLU C 56 2.34 24.96 -37.19
C GLU C 56 2.35 26.28 -36.35
N VAL C 57 3.44 27.07 -36.44
CA VAL C 57 3.62 28.37 -35.76
C VAL C 57 2.48 29.35 -36.12
N MET C 58 2.06 29.38 -37.39
CA MET C 58 0.98 30.25 -37.85
C MET C 58 -0.38 29.77 -37.31
N ALA C 59 -0.63 28.45 -37.32
CA ALA C 59 -1.88 27.83 -36.84
C ALA C 59 -2.11 28.08 -35.31
N LEU C 60 -1.07 27.88 -34.50
CA LEU C 60 -1.12 28.09 -33.04
C LEU C 60 -1.24 29.57 -32.74
N GLY C 61 -0.63 30.40 -33.59
CA GLY C 61 -0.68 31.85 -33.47
C GLY C 61 -2.10 32.33 -33.62
N LEU C 62 -2.70 32.00 -34.78
CA LEU C 62 -4.08 32.31 -35.16
C LEU C 62 -5.08 31.91 -34.05
N TYR C 63 -4.94 30.68 -33.53
CA TYR C 63 -5.73 30.14 -32.42
C TYR C 63 -5.58 31.00 -31.15
N THR C 64 -4.35 31.12 -30.64
CA THR C 64 -4.02 31.76 -29.37
C THR C 64 -4.41 33.21 -29.38
N GLY C 65 -4.16 33.89 -30.47
CA GLY C 65 -4.47 35.31 -30.62
C GLY C 65 -5.94 35.66 -30.60
N ILE C 66 -6.83 34.87 -31.27
CA ILE C 66 -8.28 35.16 -31.35
C ILE C 66 -9.14 33.98 -31.84
N HIS C 67 -8.62 33.08 -32.68
CA HIS C 67 -9.46 32.01 -33.27
C HIS C 67 -9.88 30.91 -32.30
N TYR C 68 -9.38 30.95 -31.03
CA TYR C 68 -9.77 29.98 -29.99
C TYR C 68 -11.30 29.98 -29.78
N ALA C 69 -11.90 31.18 -29.81
CA ALA C 69 -13.32 31.35 -29.55
C ALA C 69 -14.17 30.59 -30.53
N ASP C 70 -14.03 30.84 -31.86
CA ASP C 70 -14.86 30.19 -32.89
C ASP C 70 -14.51 28.73 -33.09
N LEU C 71 -13.23 28.36 -33.06
CA LEU C 71 -12.81 26.99 -33.25
C LEU C 71 -13.28 26.09 -32.10
N ASN C 72 -13.01 26.46 -30.82
CA ASN C 72 -13.42 25.70 -29.63
C ASN C 72 -14.96 25.57 -29.56
N ARG C 73 -15.69 26.60 -29.99
CA ARG C 73 -17.14 26.57 -30.09
C ARG C 73 -17.57 25.49 -31.12
N ALA C 74 -16.96 25.43 -32.31
CA ALA C 74 -17.29 24.44 -33.34
C ALA C 74 -16.94 23.04 -32.85
N LEU C 75 -15.76 22.88 -32.22
CA LEU C 75 -15.28 21.62 -31.66
C LEU C 75 -16.14 21.12 -30.51
N ARG C 76 -16.56 21.98 -29.60
CA ARG C 76 -17.36 21.57 -28.41
C ARG C 76 -18.81 21.27 -28.77
N GLN C 77 -19.32 21.92 -29.85
CA GLN C 77 -20.68 21.75 -30.33
C GLN C 77 -20.80 20.62 -31.37
N GLY C 78 -19.66 20.08 -31.80
CA GLY C 78 -19.62 19.01 -32.79
C GLY C 78 -20.05 19.48 -34.17
N GLN C 79 -19.75 20.76 -34.50
CA GLN C 79 -20.08 21.39 -35.78
C GLN C 79 -19.00 21.10 -36.80
N GLU C 80 -19.36 21.26 -38.08
CA GLU C 80 -18.50 21.12 -39.23
C GLU C 80 -17.54 22.29 -39.17
N LEU C 81 -16.26 22.06 -39.42
CA LEU C 81 -15.35 23.20 -39.33
C LEU C 81 -15.34 23.89 -40.67
N ASP C 82 -15.43 25.22 -40.71
CA ASP C 82 -15.33 25.90 -41.99
C ASP C 82 -13.89 25.72 -42.51
N ALA C 83 -13.66 25.97 -43.82
CA ALA C 83 -12.38 25.81 -44.52
C ALA C 83 -11.17 26.35 -43.71
N GLY C 84 -11.32 27.56 -43.18
CA GLY C 84 -10.33 28.27 -42.38
C GLY C 84 -10.06 27.68 -40.99
N GLN C 85 -11.11 27.09 -40.36
CA GLN C 85 -11.05 26.41 -39.07
C GLN C 85 -10.29 25.10 -39.21
N LYS C 86 -10.50 24.40 -40.37
CA LYS C 86 -9.89 23.10 -40.70
C LYS C 86 -8.41 23.22 -40.83
N LEU C 87 -7.92 24.30 -41.43
CA LEU C 87 -6.49 24.57 -41.58
C LEU C 87 -5.83 24.78 -40.20
N ILE C 88 -6.41 25.64 -39.31
CA ILE C 88 -5.89 25.93 -37.96
C ILE C 88 -5.83 24.61 -37.11
N ASP C 89 -6.90 23.82 -37.13
CA ASP C 89 -7.01 22.55 -36.43
C ASP C 89 -6.00 21.53 -36.97
N GLN C 90 -5.74 21.53 -38.29
CA GLN C 90 -4.82 20.55 -38.82
C GLN C 90 -3.37 20.97 -38.58
N GLY C 91 -3.11 22.28 -38.48
CA GLY C 91 -1.79 22.81 -38.15
C GLY C 91 -1.47 22.57 -36.68
N MET C 92 -2.49 22.63 -35.81
CA MET C 92 -2.32 22.40 -34.37
C MET C 92 -2.16 20.92 -34.08
N SER C 93 -3.00 20.04 -34.68
CA SER C 93 -2.91 18.59 -34.51
C SER C 93 -1.52 18.08 -34.91
N ALA C 94 -0.96 18.64 -36.00
CA ALA C 94 0.37 18.35 -36.53
C ALA C 94 1.45 18.84 -35.58
N ALA C 95 1.19 19.96 -34.85
CA ALA C 95 2.15 20.53 -33.90
C ALA C 95 2.21 19.64 -32.66
N PHE C 96 1.07 19.01 -32.29
CA PHE C 96 0.96 18.11 -31.13
C PHE C 96 1.56 16.70 -31.43
N GLU C 97 1.51 16.26 -32.69
CA GLU C 97 2.11 15.01 -33.16
C GLU C 97 3.66 15.11 -33.06
N LYS C 98 4.21 16.28 -33.47
CA LYS C 98 5.64 16.64 -33.46
C LYS C 98 6.16 16.74 -32.05
N SER C 99 5.53 17.60 -31.25
CA SER C 99 5.90 17.93 -29.87
C SER C 99 5.97 16.70 -28.94
N GLY C 100 4.87 15.94 -28.84
CA GLY C 100 4.77 14.78 -27.98
C GLY C 100 5.03 15.10 -26.52
N GLN C 101 5.39 14.07 -25.72
CA GLN C 101 5.64 14.24 -24.28
C GLN C 101 7.03 14.86 -24.00
N ALA C 102 7.10 15.74 -22.99
CA ALA C 102 8.31 16.42 -22.53
C ALA C 102 9.01 15.57 -21.44
N GLU C 103 10.23 15.97 -21.05
CA GLU C 103 11.02 15.19 -20.08
C GLU C 103 10.55 15.41 -18.65
N GLN C 104 10.11 16.63 -18.35
CA GLN C 104 9.63 17.01 -17.03
C GLN C 104 8.11 17.18 -17.05
N VAL C 105 7.47 17.05 -15.88
CA VAL C 105 6.05 17.29 -15.65
C VAL C 105 5.97 18.80 -15.41
N VAL C 106 4.94 19.48 -15.98
CA VAL C 106 4.75 20.93 -15.85
C VAL C 106 3.48 21.21 -15.10
N LYS C 107 3.50 22.25 -14.27
CA LYS C 107 2.38 22.76 -13.49
C LYS C 107 1.89 24.02 -14.13
N THR C 108 0.65 24.00 -14.64
CA THR C 108 0.03 25.17 -15.27
C THR C 108 -1.28 25.43 -14.54
N PHE C 109 -1.94 26.56 -14.86
CA PHE C 109 -3.16 27.00 -14.20
C PHE C 109 -4.20 27.39 -15.22
N ARG C 110 -5.49 27.31 -14.88
CA ARG C 110 -6.56 27.62 -15.82
C ARG C 110 -7.80 28.11 -15.10
N GLY C 111 -8.42 29.17 -15.60
CA GLY C 111 -9.65 29.68 -15.03
C GLY C 111 -10.77 29.73 -16.04
N THR C 112 -11.98 29.33 -15.65
CA THR C 112 -13.16 29.39 -16.52
C THR C 112 -14.27 30.17 -15.79
N ARG C 113 -15.17 30.79 -16.55
CA ARG C 113 -16.26 31.60 -16.00
C ARG C 113 -17.50 30.72 -15.74
N GLY C 114 -18.36 30.58 -16.76
CA GLY C 114 -19.61 29.81 -16.70
C GLY C 114 -19.54 28.29 -16.82
N GLY C 115 -18.63 27.77 -17.62
CA GLY C 115 -18.60 26.32 -17.82
C GLY C 115 -17.23 25.71 -17.93
N ASP C 116 -17.15 24.44 -17.63
CA ASP C 116 -15.89 23.74 -17.64
C ASP C 116 -16.12 22.31 -18.06
N ALA C 117 -15.19 21.77 -18.83
CA ALA C 117 -15.21 20.40 -19.34
C ALA C 117 -15.23 19.33 -18.27
N PHE C 118 -14.60 19.62 -17.12
CA PHE C 118 -14.37 18.66 -16.07
C PHE C 118 -15.38 18.74 -14.96
N ASN C 119 -16.48 19.46 -15.19
CA ASN C 119 -17.60 19.52 -14.26
C ASN C 119 -18.29 18.16 -14.20
N ALA C 120 -18.33 17.50 -15.37
CA ALA C 120 -18.97 16.21 -15.59
C ALA C 120 -18.07 15.01 -15.19
N VAL C 121 -16.84 15.25 -14.69
CA VAL C 121 -15.92 14.18 -14.30
C VAL C 121 -15.77 14.09 -12.77
N GLU C 122 -16.05 12.91 -12.20
CA GLU C 122 -15.92 12.71 -10.77
C GLU C 122 -14.47 12.38 -10.42
N GLU C 123 -14.05 12.61 -9.16
CA GLU C 123 -12.65 12.40 -8.78
C GLU C 123 -12.19 10.98 -8.98
N GLY C 124 -10.99 10.83 -9.54
CA GLY C 124 -10.35 9.55 -9.84
C GLY C 124 -10.65 9.07 -11.24
N LYS C 125 -11.75 9.60 -11.82
CA LYS C 125 -12.20 9.27 -13.16
C LYS C 125 -11.56 10.23 -14.16
N VAL C 126 -11.52 9.86 -15.46
CA VAL C 126 -10.90 10.71 -16.49
C VAL C 126 -11.94 11.17 -17.50
N GLY C 127 -11.71 12.40 -17.98
CA GLY C 127 -12.51 13.09 -18.99
C GLY C 127 -11.67 14.01 -19.83
N HIS C 128 -12.28 14.67 -20.78
CA HIS C 128 -11.56 15.58 -21.68
C HIS C 128 -12.44 16.74 -22.16
N ASP C 129 -11.77 17.78 -22.66
CA ASP C 129 -12.39 18.92 -23.32
C ASP C 129 -12.42 18.56 -24.83
N ASP C 130 -13.51 18.85 -25.53
CA ASP C 130 -13.54 18.53 -26.96
C ASP C 130 -12.71 19.57 -27.79
N GLY C 131 -12.58 20.78 -27.25
CA GLY C 131 -11.73 21.84 -27.77
C GLY C 131 -10.35 21.75 -27.15
N TYR C 132 -9.54 22.79 -27.32
CA TYR C 132 -8.19 22.86 -26.78
C TYR C 132 -8.22 23.49 -25.42
N LEU C 133 -7.40 22.95 -24.53
CA LEU C 133 -7.28 23.42 -23.16
C LEU C 133 -6.12 24.41 -23.02
N SER C 134 -6.43 25.71 -22.78
CA SER C 134 -5.44 26.77 -22.55
C SER C 134 -5.11 26.84 -21.07
N THR C 135 -3.82 26.80 -20.76
CA THR C 135 -3.36 26.91 -19.36
C THR C 135 -2.24 27.96 -19.30
N SER C 136 -1.92 28.43 -18.11
CA SER C 136 -0.93 29.48 -17.87
C SER C 136 0.11 29.07 -16.88
N LEU C 137 1.36 29.47 -17.11
CA LEU C 137 2.43 29.24 -16.14
C LEU C 137 2.31 30.15 -14.90
N ASN C 138 1.47 31.22 -14.95
CA ASN C 138 1.25 32.15 -13.83
C ASN C 138 -0.17 32.01 -13.24
N PRO C 139 -0.27 31.75 -11.91
CA PRO C 139 -1.60 31.58 -11.29
C PRO C 139 -2.50 32.81 -11.39
N GLY C 140 -1.92 33.99 -11.16
CA GLY C 140 -2.63 35.27 -11.25
C GLY C 140 -3.23 35.54 -12.61
N VAL C 141 -2.59 35.04 -13.68
CA VAL C 141 -3.06 35.19 -15.05
C VAL C 141 -4.37 34.36 -15.25
N ALA C 142 -4.45 33.17 -14.63
CA ALA C 142 -5.61 32.27 -14.76
C ALA C 142 -6.88 32.87 -14.14
N ARG C 143 -6.79 33.50 -12.93
CA ARG C 143 -7.94 34.13 -12.24
C ARG C 143 -8.53 35.25 -13.05
N SER C 144 -7.71 35.86 -13.91
CA SER C 144 -8.10 36.96 -14.79
C SER C 144 -8.95 36.46 -15.96
N PHE C 145 -8.94 35.13 -16.25
CA PHE C 145 -9.78 34.52 -17.29
C PHE C 145 -11.09 34.01 -16.70
N GLY C 146 -11.08 33.58 -15.44
CA GLY C 146 -12.30 33.15 -14.78
C GLY C 146 -12.19 32.80 -13.32
N GLN C 147 -13.30 32.98 -12.60
CA GLN C 147 -13.40 32.67 -11.17
C GLN C 147 -14.54 31.68 -10.89
N GLY C 148 -15.05 31.04 -11.93
CA GLY C 148 -16.08 30.03 -11.77
C GLY C 148 -15.38 28.79 -11.27
N THR C 149 -14.35 28.37 -12.02
CA THR C 149 -13.57 27.21 -11.64
C THR C 149 -12.12 27.49 -12.00
N ILE C 150 -11.23 27.34 -10.99
CA ILE C 150 -9.79 27.55 -11.11
C ILE C 150 -9.14 26.18 -10.88
N SER C 151 -8.37 25.69 -11.89
CA SER C 151 -7.73 24.39 -11.95
C SER C 151 -6.21 24.46 -11.96
N THR C 152 -5.56 23.46 -11.34
CA THR C 152 -4.11 23.28 -11.35
C THR C 152 -3.85 22.02 -12.17
N VAL C 153 -3.17 22.18 -13.30
CA VAL C 153 -2.91 21.09 -14.24
C VAL C 153 -1.49 20.63 -14.14
N PHE C 154 -1.28 19.31 -14.26
CA PHE C 154 0.03 18.65 -14.31
C PHE C 154 0.03 17.80 -15.57
N GLY C 155 1.00 18.03 -16.43
CA GLY C 155 1.12 17.30 -17.70
C GLY C 155 2.49 17.39 -18.35
N ARG C 156 2.68 16.68 -19.46
CA ARG C 156 3.92 16.67 -20.24
C ARG C 156 3.70 16.97 -21.76
N SER C 157 2.49 16.67 -22.31
CA SER C 157 2.13 16.79 -23.75
C SER C 157 1.61 18.17 -24.23
N GLY C 158 1.86 19.22 -23.44
CA GLY C 158 1.46 20.57 -23.77
C GLY C 158 2.47 21.31 -24.63
N ILE C 159 2.01 22.34 -25.34
CA ILE C 159 2.88 23.15 -26.19
C ILE C 159 2.93 24.57 -25.63
N ASP C 160 4.15 25.11 -25.47
CA ASP C 160 4.36 26.48 -25.03
C ASP C 160 4.27 27.42 -26.22
N VAL C 161 3.28 28.32 -26.19
CA VAL C 161 3.03 29.26 -27.29
C VAL C 161 3.39 30.71 -26.87
N SER C 162 3.94 30.89 -25.65
CA SER C 162 4.33 32.22 -25.15
C SER C 162 5.26 33.02 -26.13
N GLY C 163 6.01 32.32 -26.97
CA GLY C 163 6.86 32.96 -27.97
C GLY C 163 6.14 33.33 -29.26
N ILE C 164 4.93 32.76 -29.53
CA ILE C 164 4.07 32.97 -30.71
C ILE C 164 3.00 34.06 -30.42
N SER C 165 2.20 33.87 -29.35
CA SER C 165 1.15 34.80 -28.94
C SER C 165 1.14 34.80 -27.42
N ASN C 166 1.19 35.99 -26.77
CA ASN C 166 1.30 36.12 -25.33
C ASN C 166 0.59 37.38 -24.77
N TYR C 167 -0.70 37.58 -25.09
CA TYR C 167 -1.44 38.69 -24.47
C TYR C 167 -1.54 38.42 -22.98
N LYS C 168 -1.59 39.48 -22.13
CA LYS C 168 -1.62 39.43 -20.67
C LYS C 168 -0.33 38.79 -20.10
N ASN C 169 0.65 38.43 -20.96
CA ASN C 169 1.88 37.70 -20.60
C ASN C 169 1.42 36.43 -19.86
N ALA C 170 0.42 35.78 -20.48
CA ALA C 170 -0.27 34.61 -20.02
C ALA C 170 0.63 33.42 -19.93
N LYS C 171 1.74 33.39 -20.70
CA LYS C 171 2.77 32.33 -20.77
C LYS C 171 2.04 30.98 -20.83
N ALA C 172 1.25 30.82 -21.88
CA ALA C 172 0.36 29.69 -22.12
C ALA C 172 1.05 28.42 -22.58
N ILE C 173 0.56 27.30 -22.01
CA ILE C 173 0.87 25.92 -22.38
C ILE C 173 -0.46 25.36 -22.84
N LEU C 174 -0.61 25.07 -24.14
CA LEU C 174 -1.85 24.49 -24.67
C LEU C 174 -1.76 22.97 -24.69
N TYR C 175 -2.85 22.31 -24.32
CA TYR C 175 -3.00 20.86 -24.39
C TYR C 175 -3.91 20.59 -25.58
N ASN C 176 -3.62 19.52 -26.32
CA ASN C 176 -4.31 19.10 -27.55
C ASN C 176 -5.79 18.92 -27.28
N LYS C 177 -6.63 18.95 -28.32
CA LYS C 177 -8.07 18.73 -28.13
C LYS C 177 -8.31 17.29 -27.70
N GLU C 178 -9.37 17.04 -26.92
CA GLU C 178 -9.76 15.70 -26.48
C GLU C 178 -8.65 14.99 -25.66
N THR C 179 -7.66 15.76 -25.14
CA THR C 179 -6.61 15.26 -24.25
C THR C 179 -7.28 14.85 -22.92
N ASP C 180 -7.13 13.56 -22.53
CA ASP C 180 -7.72 12.98 -21.33
C ASP C 180 -6.95 13.35 -20.10
N MET C 181 -7.69 13.92 -19.18
CA MET C 181 -7.25 14.42 -17.88
C MET C 181 -8.01 13.69 -16.79
N ARG C 182 -7.29 13.31 -15.74
CA ARG C 182 -7.85 12.70 -14.53
C ARG C 182 -8.05 13.77 -13.47
N VAL C 183 -9.25 13.82 -12.88
CA VAL C 183 -9.58 14.75 -11.80
C VAL C 183 -9.04 14.15 -10.48
N LEU C 184 -7.97 14.76 -9.91
CA LEU C 184 -7.35 14.32 -8.66
C LEU C 184 -8.07 14.90 -7.46
N LEU C 185 -8.61 16.12 -7.60
CA LEU C 185 -9.40 16.79 -6.56
C LEU C 185 -10.38 17.71 -7.21
N SER C 186 -11.61 17.71 -6.72
CA SER C 186 -12.65 18.64 -7.17
C SER C 186 -13.32 19.10 -5.92
N ALA C 187 -13.01 20.35 -5.52
CA ALA C 187 -13.45 20.95 -4.27
C ALA C 187 -14.07 22.31 -4.53
N SER C 188 -14.65 22.88 -3.51
CA SER C 188 -15.28 24.17 -3.60
C SER C 188 -14.83 25.06 -2.44
N ASP C 189 -14.69 26.35 -2.70
CA ASP C 189 -14.34 27.48 -1.83
C ASP C 189 -15.54 27.86 -1.01
N GLU C 190 -15.31 28.53 0.11
CA GLU C 190 -16.38 29.12 0.90
C GLU C 190 -16.90 30.36 0.12
N GLN C 191 -16.21 30.71 -0.98
CA GLN C 191 -16.60 31.83 -1.85
C GLN C 191 -17.45 31.28 -2.98
N GLY C 192 -17.44 29.94 -3.17
CA GLY C 192 -18.20 29.25 -4.21
C GLY C 192 -17.44 28.99 -5.49
N VAL C 193 -16.09 29.12 -5.49
CA VAL C 193 -15.19 28.85 -6.62
C VAL C 193 -14.85 27.36 -6.60
N THR C 194 -14.98 26.66 -7.74
CA THR C 194 -14.57 25.27 -7.67
C THR C 194 -13.05 25.25 -7.92
N ARG C 195 -12.35 24.50 -7.07
CA ARG C 195 -10.90 24.31 -7.05
C ARG C 195 -10.57 22.89 -7.46
N ARG C 196 -10.06 22.75 -8.67
CA ARG C 196 -9.75 21.45 -9.24
C ARG C 196 -8.24 21.23 -9.43
N VAL C 197 -7.84 19.95 -9.40
CA VAL C 197 -6.49 19.49 -9.69
C VAL C 197 -6.69 18.41 -10.73
N LEU C 198 -6.19 18.68 -11.93
CA LEU C 198 -6.24 17.81 -13.09
C LEU C 198 -4.88 17.30 -13.38
N GLU C 199 -4.81 16.07 -13.86
CA GLU C 199 -3.54 15.49 -14.27
C GLU C 199 -3.72 14.79 -15.63
N GLU C 200 -2.78 14.99 -16.58
CA GLU C 200 -2.78 14.29 -17.87
C GLU C 200 -2.81 12.79 -17.58
N ALA C 201 -3.98 12.13 -17.83
CA ALA C 201 -4.24 10.70 -17.53
C ALA C 201 -3.12 9.74 -18.00
N ALA C 202 -2.39 10.13 -19.04
CA ALA C 202 -1.25 9.40 -19.60
C ALA C 202 -0.01 9.41 -18.70
N LEU C 203 0.00 10.18 -17.59
CA LEU C 203 1.18 10.26 -16.71
C LEU C 203 1.31 9.00 -15.83
N GLY C 204 0.17 8.36 -15.54
CA GLY C 204 0.10 7.15 -14.74
C GLY C 204 -0.32 7.39 -13.30
N GLU C 205 -0.30 6.32 -12.49
CA GLU C 205 -0.68 6.32 -11.07
C GLU C 205 0.49 6.71 -10.17
N LEU C 206 1.72 6.36 -10.57
CA LEU C 206 2.98 6.59 -9.84
C LEU C 206 3.34 8.08 -9.79
N SER C 207 2.87 8.86 -10.82
CA SER C 207 3.14 10.28 -10.97
C SER C 207 2.46 11.10 -9.89
N GLY C 208 3.23 12.03 -9.33
CA GLY C 208 2.77 12.92 -8.30
C GLY C 208 2.93 12.40 -6.90
N HIS C 209 3.52 11.21 -6.78
CA HIS C 209 3.80 10.59 -5.50
C HIS C 209 5.28 10.58 -5.24
N SER C 210 5.69 11.16 -4.11
CA SER C 210 7.06 11.11 -3.64
C SER C 210 7.20 9.77 -2.96
N GLN C 211 7.99 8.86 -3.56
CA GLN C 211 8.23 7.47 -3.15
C GLN C 211 8.40 7.32 -1.63
N GLY C 212 7.50 6.53 -1.05
CA GLY C 212 7.45 6.19 0.37
C GLY C 212 6.85 7.18 1.35
N LEU C 213 6.61 8.43 0.92
CA LEU C 213 6.15 9.54 1.77
C LEU C 213 4.79 9.34 2.48
N LEU C 214 3.74 9.03 1.72
CA LEU C 214 2.36 8.82 2.16
C LEU C 214 2.27 7.74 3.26
N ASP C 215 3.04 6.65 3.07
CA ASP C 215 3.18 5.50 3.99
C ASP C 215 3.95 5.95 5.26
N ALA C 216 5.04 6.72 5.09
CA ALA C 216 5.84 7.27 6.20
C ALA C 216 5.01 8.24 7.04
N LEU C 217 4.09 8.97 6.40
CA LEU C 217 3.24 9.95 7.04
C LEU C 217 2.28 9.34 8.10
N ASP C 218 2.16 7.98 8.17
CA ASP C 218 1.37 7.26 9.19
C ASP C 218 0.03 7.95 9.41
N LEU C 219 -0.77 8.03 8.33
CA LEU C 219 -2.02 8.75 8.32
C LEU C 219 -3.06 8.05 9.12
N ALA C 220 -3.78 8.82 9.91
CA ALA C 220 -4.85 8.39 10.81
C ALA C 220 -6.15 8.10 10.03
N SER C 221 -6.13 7.03 9.24
CA SER C 221 -7.24 6.49 8.42
C SER C 221 -6.93 5.02 8.04
N LYS C 222 -7.97 4.14 8.06
CA LYS C 222 -7.83 2.71 7.71
C LYS C 222 -7.68 2.55 6.19
PA CNA D . -12.03 28.69 -23.59
O1A CNA D . -11.53 27.29 -23.23
O2A CNA D . -12.57 28.49 -24.92
O5B CNA D . -13.00 29.39 -22.55
C5B CNA D . -13.91 30.49 -22.69
C4B CNA D . -15.08 30.31 -21.68
O4B CNA D . -15.96 29.32 -22.15
C3B CNA D . -14.65 29.73 -20.31
O3B CNA D . -14.35 30.75 -19.47
C2B CNA D . -15.93 29.06 -19.88
O2B CNA D . -16.92 29.91 -19.54
C1B CNA D . -16.39 28.41 -21.15
N9A CNA D . -15.96 26.98 -21.36
C8A CNA D . -14.72 26.50 -21.37
N7A CNA D . -14.70 25.21 -21.63
C5A CNA D . -15.95 24.82 -21.76
C6A CNA D . -16.50 23.57 -21.99
N6A CNA D . -15.66 22.49 -22.18
N1A CNA D . -17.85 23.46 -22.03
C2A CNA D . -18.81 24.58 -21.85
N3A CNA D . -18.13 25.87 -21.64
C4A CNA D . -16.75 25.93 -21.57
O3 CNA D . -10.75 29.62 -23.64
PN CNA D . -9.77 30.41 -22.66
O1N CNA D . -10.48 31.66 -22.06
O2N CNA D . -9.10 29.58 -21.65
O5D CNA D . -8.57 30.77 -23.67
C5D CNA D . -8.60 31.90 -24.48
C4D CNA D . -7.28 32.77 -24.57
C4' CNA D . -6.63 32.95 -23.29
C3D CNA D . -6.22 32.24 -25.48
O3D CNA D . -5.54 33.51 -25.81
C2D CNA D . -5.43 31.36 -24.57
O2D CNA D . -4.04 31.31 -25.02
C1D CNA D . -5.45 32.12 -23.32
N1N CNA D . -5.26 31.56 -21.97
C2N CNA D . -6.34 31.18 -21.11
C3N CNA D . -6.14 30.78 -19.80
C7N CNA D . -7.16 30.43 -18.83
O7N CNA D . -6.86 30.19 -17.73
N7N CNA D . -8.43 30.35 -19.04
C4N CNA D . -4.77 30.74 -19.41
C5N CNA D . -3.69 31.02 -20.27
C6N CNA D . -3.94 31.47 -21.55
C1 MPD E . -7.04 42.40 -28.43
C2 MPD E . -7.27 41.92 -27.03
O2 MPD E . -6.06 42.02 -26.30
CM MPD E . -8.27 42.83 -26.36
C3 MPD E . -7.71 40.47 -26.93
C4 MPD E . -7.56 39.61 -28.16
O4 MPD E . -6.99 38.39 -27.75
C5 MPD E . -8.92 39.28 -28.72
#